data_8F78
#
_entry.id   8F78
#
_cell.length_a   102.277
_cell.length_b   102.277
_cell.length_c   321.648
_cell.angle_alpha   90.00
_cell.angle_beta   90.00
_cell.angle_gamma   120.00
#
_symmetry.space_group_name_H-M   'P 61'
#
loop_
_entity.id
_entity.type
_entity.pdbx_description
1 polymer Procaspase-6
2 non-polymer 5-fluoro-2-({[3-(pyrimidin-2-yl)pyridin-2-yl]amino}methyl)phenol
3 non-polymer 'CHLORIDE ION'
4 water water
#
_entity_poly.entity_id   1
_entity_poly.type   'polypeptide(L)'
_entity_poly.pdbx_seq_one_letter_code
;MSSASGLRRGHPAGGEENMTETDAFYKREMFDPAEKYKMDHRRRGIALIFNHERFFWHLTLPERRGTCADRDNLTRRFSD
LGFEVKCFNDLKAEELLLKIHEVSTVSHADADCFVCVFLSHGEGNHIYAYDAKIEIQTLTGLFKGDKCHSLVGKPKIFII
QAARGNQHDVPVIPLDVVDNQTEKLDTNITEVDAASVYTLPAGADFLMCYSVAEGYYSHRETVNGSWYIQDLCEMLGKYG
SSLEFTELLTLVNRKVSQRRVDFCKDPSAIGKKQVPCFASMLTKKLHFFPKSNENLYFQ
;
_entity_poly.pdbx_strand_id   A,B,C,D
#
loop_
_chem_comp.id
_chem_comp.type
_chem_comp.name
_chem_comp.formula
2J6 non-polymer 5-fluoro-2-({[3-(pyrimidin-2-yl)pyridin-2-yl]amino}methyl)phenol 'C16 H13 F N4 O'
CL non-polymer 'CHLORIDE ION' 'Cl -1'
#
# COMPACT_ATOMS: atom_id res chain seq x y z
N MET A 30 -41.77 5.74 7.38
CA MET A 30 -42.42 6.28 6.14
C MET A 30 -41.45 6.16 4.96
N PHE A 31 -40.78 5.00 4.81
CA PHE A 31 -39.66 4.77 3.85
C PHE A 31 -40.08 5.08 2.41
N ASP A 32 -39.24 5.84 1.69
CA ASP A 32 -39.58 6.38 0.34
C ASP A 32 -38.47 6.02 -0.62
N PRO A 33 -38.72 5.12 -1.60
CA PRO A 33 -37.67 4.70 -2.53
C PRO A 33 -37.18 5.81 -3.48
N ALA A 34 -37.90 6.92 -3.54
CA ALA A 34 -37.63 8.02 -4.49
C ALA A 34 -37.16 9.26 -3.71
N GLU A 35 -36.79 9.07 -2.43
CA GLU A 35 -36.38 10.20 -1.56
C GLU A 35 -35.18 10.90 -2.21
N LYS A 36 -35.25 12.22 -2.24
CA LYS A 36 -34.24 13.13 -2.85
C LYS A 36 -33.64 13.98 -1.73
N TYR A 37 -32.35 14.23 -1.78
CA TYR A 37 -31.69 15.26 -0.93
C TYR A 37 -32.49 16.56 -1.06
N LYS A 38 -32.76 17.18 0.08
CA LYS A 38 -33.41 18.51 0.20
C LYS A 38 -32.53 19.55 -0.50
N MET A 39 -32.95 20.04 -1.67
CA MET A 39 -32.15 21.01 -2.49
C MET A 39 -32.89 22.34 -2.61
N ASP A 40 -33.62 22.75 -1.57
CA ASP A 40 -34.46 23.98 -1.53
C ASP A 40 -33.98 24.92 -0.41
N HIS A 41 -32.67 24.95 -0.13
CA HIS A 41 -32.01 25.99 0.71
C HIS A 41 -31.93 27.28 -0.10
N ARG A 42 -31.58 28.39 0.56
CA ARG A 42 -31.48 29.75 -0.02
C ARG A 42 -30.47 29.76 -1.19
N ARG A 43 -29.31 29.13 -1.02
CA ARG A 43 -28.24 29.06 -2.06
C ARG A 43 -27.83 27.61 -2.33
N ARG A 44 -27.27 27.37 -3.51
CA ARG A 44 -26.74 26.04 -3.94
C ARG A 44 -25.58 25.61 -3.04
N GLY A 45 -24.59 26.50 -2.89
CA GLY A 45 -23.35 26.25 -2.11
C GLY A 45 -22.08 26.64 -2.86
N ILE A 46 -20.94 26.32 -2.25
CA ILE A 46 -19.57 26.60 -2.77
C ILE A 46 -19.11 25.43 -3.66
N ALA A 47 -18.45 25.77 -4.77
CA ALA A 47 -17.65 24.85 -5.59
C ALA A 47 -16.20 25.33 -5.58
N LEU A 48 -15.32 24.61 -4.88
CA LEU A 48 -13.86 24.88 -4.84
C LEU A 48 -13.21 24.22 -6.04
N ILE A 49 -12.34 24.94 -6.76
CA ILE A 49 -11.50 24.37 -7.84
C ILE A 49 -10.03 24.73 -7.58
N PHE A 50 -9.26 23.74 -7.12
CA PHE A 50 -7.79 23.78 -7.04
C PHE A 50 -7.22 23.34 -8.38
N ASN A 51 -6.66 24.30 -9.11
CA ASN A 51 -6.13 24.10 -10.48
C ASN A 51 -4.61 24.22 -10.44
N HIS A 52 -3.91 23.21 -10.92
CA HIS A 52 -2.44 23.03 -10.81
C HIS A 52 -1.87 22.77 -12.20
N GLU A 53 -1.10 23.73 -12.72
CA GLU A 53 -0.53 23.69 -14.10
C GLU A 53 0.96 23.40 -14.05
N ARG A 54 1.66 23.99 -13.08
CA ARG A 54 3.13 23.94 -12.92
C ARG A 54 3.41 23.41 -11.51
N PHE A 55 4.62 22.88 -11.30
CA PHE A 55 5.06 22.29 -10.01
C PHE A 55 6.49 22.75 -9.73
N PHE A 56 6.81 22.90 -8.43
CA PHE A 56 8.17 23.09 -7.90
C PHE A 56 9.14 22.21 -8.70
N TRP A 57 10.26 22.77 -9.15
CA TRP A 57 11.23 22.04 -10.02
C TRP A 57 11.50 20.66 -9.41
N HIS A 58 11.92 20.60 -8.13
CA HIS A 58 12.53 19.40 -7.51
C HIS A 58 11.55 18.23 -7.36
N LEU A 59 10.27 18.41 -7.77
CA LEU A 59 9.25 17.32 -7.78
C LEU A 59 9.39 16.50 -9.07
N THR A 60 9.98 17.10 -10.12
CA THR A 60 10.15 16.47 -11.45
C THR A 60 8.77 16.01 -11.93
N LEU A 61 7.82 16.94 -11.99
CA LEU A 61 6.46 16.71 -12.57
C LEU A 61 6.28 17.65 -13.76
N PRO A 62 5.67 17.16 -14.86
CA PRO A 62 5.52 17.97 -16.06
C PRO A 62 4.39 18.98 -15.91
N GLU A 63 4.44 20.09 -16.66
CA GLU A 63 3.34 21.07 -16.79
C GLU A 63 2.09 20.32 -17.27
N ARG A 64 0.91 20.82 -16.91
CA ARG A 64 -0.39 20.21 -17.30
C ARG A 64 -1.12 21.20 -18.21
N ARG A 65 -0.50 21.54 -19.35
CA ARG A 65 -1.04 22.48 -20.37
C ARG A 65 -2.47 22.04 -20.73
N GLY A 66 -3.45 22.93 -20.52
CA GLY A 66 -4.87 22.70 -20.89
C GLY A 66 -5.76 22.57 -19.67
N THR A 67 -5.18 22.56 -18.48
CA THR A 67 -5.91 22.49 -17.19
C THR A 67 -6.72 23.79 -17.00
N CYS A 68 -6.35 24.87 -17.69
CA CYS A 68 -7.02 26.19 -17.59
C CYS A 68 -8.33 26.17 -18.38
N ALA A 69 -8.40 25.40 -19.47
CA ALA A 69 -9.65 25.10 -20.20
C ALA A 69 -10.61 24.35 -19.26
N ASP A 70 -10.14 23.28 -18.60
CA ASP A 70 -10.89 22.47 -17.61
C ASP A 70 -11.46 23.39 -16.51
N ARG A 71 -10.63 24.25 -15.93
CA ARG A 71 -11.00 25.18 -14.84
C ARG A 71 -12.08 26.17 -15.32
N ASP A 72 -11.98 26.69 -16.54
CA ASP A 72 -12.94 27.70 -17.08
C ASP A 72 -14.26 27.00 -17.42
N ASN A 73 -14.19 25.77 -17.95
CA ASN A 73 -15.35 24.95 -18.38
C ASN A 73 -16.16 24.60 -17.13
N LEU A 74 -15.49 24.09 -16.10
CA LEU A 74 -16.10 23.75 -14.80
C LEU A 74 -16.70 25.01 -14.16
N THR A 75 -15.95 26.11 -14.12
CA THR A 75 -16.40 27.41 -13.55
C THR A 75 -17.76 27.79 -14.16
N ARG A 76 -17.89 27.67 -15.48
CA ARG A 76 -19.10 28.06 -16.25
C ARG A 76 -20.28 27.12 -15.94
N ARG A 77 -20.05 25.80 -15.92
CA ARG A 77 -21.12 24.77 -15.77
C ARG A 77 -21.68 24.75 -14.35
N PHE A 78 -20.82 24.94 -13.34
CA PHE A 78 -21.20 24.92 -11.91
C PHE A 78 -21.83 26.26 -11.53
N SER A 79 -21.31 27.38 -12.04
CA SER A 79 -22.01 28.68 -12.02
C SER A 79 -23.46 28.49 -12.49
N ASP A 80 -23.65 27.97 -13.70
CA ASP A 80 -24.98 27.87 -14.36
C ASP A 80 -25.91 26.96 -13.54
N LEU A 81 -25.40 26.21 -12.56
CA LEU A 81 -26.22 25.33 -11.68
C LEU A 81 -26.39 25.95 -10.29
N GLY A 82 -25.88 27.17 -10.08
CA GLY A 82 -26.16 27.96 -8.86
C GLY A 82 -24.97 28.09 -7.92
N PHE A 83 -23.86 27.39 -8.19
CA PHE A 83 -22.71 27.32 -7.28
C PHE A 83 -21.95 28.67 -7.27
N GLU A 84 -21.54 29.11 -6.08
CA GLU A 84 -20.52 30.19 -5.89
C GLU A 84 -19.15 29.52 -6.11
N VAL A 85 -18.59 29.65 -7.32
CA VAL A 85 -17.37 28.91 -7.76
C VAL A 85 -16.14 29.68 -7.30
N LYS A 86 -15.23 29.05 -6.57
CA LYS A 86 -14.00 29.72 -6.06
C LYS A 86 -12.79 28.93 -6.56
N CYS A 87 -12.07 29.47 -7.55
CA CYS A 87 -10.85 28.87 -8.16
C CYS A 87 -9.58 29.37 -7.47
N PHE A 88 -8.57 28.51 -7.40
CA PHE A 88 -7.23 28.80 -6.82
C PHE A 88 -6.16 28.11 -7.64
N ASN A 89 -5.15 28.86 -8.09
CA ASN A 89 -4.15 28.37 -9.06
C ASN A 89 -2.83 28.11 -8.33
N ASP A 90 -2.32 26.88 -8.45
CA ASP A 90 -0.91 26.51 -8.15
C ASP A 90 -0.56 26.86 -6.70
N LEU A 91 -1.51 26.69 -5.77
CA LEU A 91 -1.29 26.88 -4.32
C LEU A 91 -0.26 25.85 -3.83
N LYS A 92 0.63 26.29 -2.94
CA LYS A 92 1.50 25.42 -2.11
C LYS A 92 0.65 24.77 -1.01
N ALA A 93 1.16 23.71 -0.40
CA ALA A 93 0.42 22.83 0.53
C ALA A 93 -0.15 23.65 1.68
N GLU A 94 0.63 24.57 2.26
CA GLU A 94 0.15 25.44 3.36
C GLU A 94 -1.02 26.30 2.89
N GLU A 95 -0.87 27.01 1.77
CA GLU A 95 -1.93 27.91 1.23
C GLU A 95 -3.19 27.08 1.01
N LEU A 96 -3.07 25.94 0.32
CA LEU A 96 -4.19 25.06 -0.07
C LEU A 96 -4.94 24.58 1.18
N LEU A 97 -4.22 24.03 2.16
CA LEU A 97 -4.81 23.57 3.45
C LEU A 97 -5.52 24.75 4.15
N LEU A 98 -4.93 25.94 4.13
CA LEU A 98 -5.53 27.12 4.80
C LEU A 98 -6.88 27.42 4.14
N LYS A 99 -6.96 27.34 2.81
CA LYS A 99 -8.15 27.78 2.05
C LYS A 99 -9.26 26.73 2.22
N ILE A 100 -8.88 25.45 2.23
CA ILE A 100 -9.87 24.34 2.34
C ILE A 100 -10.35 24.21 3.78
N HIS A 101 -9.52 24.61 4.76
CA HIS A 101 -9.90 24.63 6.20
C HIS A 101 -10.77 25.85 6.48
N GLU A 102 -10.50 26.96 5.80
CA GLU A 102 -11.30 28.21 5.88
C GLU A 102 -12.74 27.91 5.46
N VAL A 103 -12.90 27.23 4.32
CA VAL A 103 -14.19 26.85 3.71
C VAL A 103 -14.90 25.80 4.58
N SER A 104 -14.18 24.93 5.27
CA SER A 104 -14.75 23.79 6.03
C SER A 104 -15.33 24.24 7.38
N THR A 105 -14.90 25.40 7.91
CA THR A 105 -15.28 25.93 9.26
C THR A 105 -16.23 27.14 9.13
N VAL A 106 -16.41 27.67 7.92
CA VAL A 106 -17.51 28.62 7.54
C VAL A 106 -18.84 27.85 7.58
N SER A 107 -19.99 28.56 7.63
CA SER A 107 -21.35 27.97 7.69
C SER A 107 -21.89 27.73 6.28
N HIS A 108 -22.35 26.50 6.02
CA HIS A 108 -23.10 26.06 4.81
C HIS A 108 -24.55 25.71 5.19
N ALA A 109 -25.03 26.20 6.34
CA ALA A 109 -26.38 25.89 6.86
C ALA A 109 -27.45 26.31 5.85
N ASP A 110 -27.18 27.36 5.05
CA ASP A 110 -28.14 27.91 4.06
C ASP A 110 -27.84 27.35 2.67
N ALA A 111 -27.13 26.23 2.59
CA ALA A 111 -26.60 25.65 1.33
C ALA A 111 -27.14 24.23 1.12
N ASP A 112 -27.33 23.87 -0.15
CA ASP A 112 -27.82 22.52 -0.56
C ASP A 112 -26.69 21.51 -0.37
N CYS A 113 -25.48 21.85 -0.81
CA CYS A 113 -24.37 20.88 -0.98
C CYS A 113 -23.02 21.60 -1.07
N PHE A 114 -21.96 20.83 -1.34
CA PHE A 114 -20.57 21.29 -1.47
C PHE A 114 -19.89 20.49 -2.59
N VAL A 115 -19.16 21.19 -3.45
CA VAL A 115 -18.35 20.58 -4.55
C VAL A 115 -16.92 21.06 -4.39
N CYS A 116 -15.97 20.13 -4.38
CA CYS A 116 -14.52 20.39 -4.40
C CYS A 116 -13.90 19.61 -5.56
N VAL A 117 -13.18 20.29 -6.44
CA VAL A 117 -12.51 19.69 -7.63
C VAL A 117 -11.00 19.89 -7.49
N PHE A 118 -10.22 18.83 -7.75
CA PHE A 118 -8.74 18.87 -7.86
C PHE A 118 -8.35 18.59 -9.31
N LEU A 119 -7.61 19.52 -9.92
CA LEU A 119 -6.98 19.35 -11.26
C LEU A 119 -5.46 19.41 -11.06
N SER A 120 -4.84 18.24 -10.86
CA SER A 120 -3.40 18.12 -10.56
C SER A 120 -2.90 16.74 -10.94
N HIS A 121 -1.68 16.42 -10.53
CA HIS A 121 -1.11 15.06 -10.53
C HIS A 121 -1.47 14.40 -9.19
N GLY A 122 -1.38 13.07 -9.10
CA GLY A 122 -1.58 12.36 -7.84
C GLY A 122 -0.85 11.03 -7.80
N GLU A 123 -0.71 10.46 -6.60
CA GLU A 123 -0.07 9.15 -6.29
C GLU A 123 -0.83 8.55 -5.11
N GLY A 124 -1.46 7.39 -5.30
CA GLY A 124 -2.14 6.66 -4.22
C GLY A 124 -3.23 7.49 -3.58
N ASN A 125 -3.11 7.81 -2.29
CA ASN A 125 -4.13 8.62 -1.60
C ASN A 125 -3.65 10.07 -1.49
N HIS A 126 -2.79 10.50 -2.42
CA HIS A 126 -2.19 11.85 -2.43
C HIS A 126 -2.64 12.62 -3.66
N ILE A 127 -2.84 13.91 -3.48
CA ILE A 127 -2.98 14.89 -4.59
C ILE A 127 -1.75 15.77 -4.48
N TYR A 128 -1.25 16.31 -5.59
CA TYR A 128 -0.09 17.23 -5.58
C TYR A 128 -0.60 18.68 -5.53
N ALA A 129 -0.20 19.39 -4.47
CA ALA A 129 -0.09 20.87 -4.47
C ALA A 129 1.19 21.25 -5.24
N TYR A 130 1.54 22.54 -5.29
CA TYR A 130 2.69 23.07 -6.08
C TYR A 130 4.00 22.39 -5.63
N ASP A 131 4.15 22.18 -4.33
CA ASP A 131 5.45 21.88 -3.66
C ASP A 131 5.45 20.51 -2.97
N ALA A 132 4.29 19.91 -2.68
CA ALA A 132 4.23 18.64 -1.94
C ALA A 132 2.91 17.91 -2.18
N LYS A 133 2.89 16.63 -1.81
CA LYS A 133 1.69 15.76 -1.88
C LYS A 133 0.90 15.95 -0.58
N ILE A 134 -0.44 15.94 -0.69
CA ILE A 134 -1.39 16.00 0.45
C ILE A 134 -2.30 14.76 0.40
N GLU A 135 -2.39 14.09 1.53
CA GLU A 135 -3.32 12.96 1.81
C GLU A 135 -4.75 13.42 1.49
N ILE A 136 -5.48 12.70 0.65
CA ILE A 136 -6.85 13.11 0.22
C ILE A 136 -7.83 12.93 1.39
N GLN A 137 -7.56 11.99 2.29
CA GLN A 137 -8.44 11.70 3.45
C GLN A 137 -8.50 12.93 4.35
N THR A 138 -7.42 13.72 4.45
CA THR A 138 -7.39 14.87 5.39
C THR A 138 -8.21 16.02 4.78
N LEU A 139 -8.28 16.11 3.45
CA LEU A 139 -9.11 17.13 2.76
C LEU A 139 -10.60 16.75 2.91
N THR A 140 -10.98 15.52 2.56
CA THR A 140 -12.38 15.05 2.69
C THR A 140 -12.75 14.97 4.18
N GLY A 141 -11.76 14.71 5.05
CA GLY A 141 -11.96 14.60 6.51
C GLY A 141 -12.51 15.88 7.14
N LEU A 142 -12.26 17.02 6.51
CA LEU A 142 -12.60 18.37 7.05
C LEU A 142 -14.12 18.60 6.97
N PHE A 143 -14.80 17.89 6.06
CA PHE A 143 -16.24 18.09 5.74
C PHE A 143 -17.09 16.94 6.30
N LYS A 144 -16.47 15.96 6.98
CA LYS A 144 -17.19 14.83 7.62
C LYS A 144 -18.13 15.41 8.67
N GLY A 145 -19.34 14.85 8.78
CA GLY A 145 -20.40 15.32 9.70
C GLY A 145 -19.83 15.87 10.99
N ASP A 146 -19.02 15.06 11.66
CA ASP A 146 -18.28 15.40 12.90
C ASP A 146 -17.74 16.85 12.82
N LYS A 147 -16.97 17.19 11.78
CA LYS A 147 -16.09 18.40 11.72
C LYS A 147 -16.78 19.58 11.03
N CYS A 148 -17.81 19.34 10.21
CA CYS A 148 -18.54 20.38 9.43
C CYS A 148 -20.04 20.17 9.57
N HIS A 149 -20.61 20.61 10.70
CA HIS A 149 -22.02 20.36 11.10
C HIS A 149 -22.99 20.88 10.02
N SER A 150 -22.77 22.08 9.47
CA SER A 150 -23.66 22.72 8.47
C SER A 150 -23.87 21.82 7.24
N LEU A 151 -23.05 20.79 7.03
CA LEU A 151 -23.10 19.97 5.77
C LEU A 151 -23.57 18.54 6.07
N VAL A 152 -23.84 18.23 7.34
CA VAL A 152 -24.37 16.90 7.76
C VAL A 152 -25.68 16.62 6.99
N GLY A 153 -25.78 15.45 6.35
CA GLY A 153 -26.96 15.00 5.59
C GLY A 153 -27.09 15.72 4.27
N LYS A 154 -26.08 16.50 3.86
CA LYS A 154 -26.07 17.21 2.56
C LYS A 154 -25.01 16.53 1.68
N PRO A 155 -25.16 16.52 0.34
CA PRO A 155 -24.20 15.84 -0.52
C PRO A 155 -22.88 16.63 -0.51
N LYS A 156 -21.74 15.93 -0.36
CA LYS A 156 -20.38 16.49 -0.49
C LYS A 156 -19.70 15.79 -1.67
N ILE A 157 -19.38 16.54 -2.73
CA ILE A 157 -19.03 15.99 -4.07
C ILE A 157 -17.59 16.36 -4.42
N PHE A 158 -16.71 15.38 -4.51
CA PHE A 158 -15.30 15.57 -4.95
C PHE A 158 -15.16 15.02 -6.36
N ILE A 159 -14.50 15.80 -7.21
CA ILE A 159 -14.16 15.45 -8.61
C ILE A 159 -12.64 15.56 -8.74
N ILE A 160 -11.99 14.49 -9.22
CA ILE A 160 -10.50 14.35 -9.15
C ILE A 160 -9.96 13.94 -10.52
N GLN A 161 -9.44 14.92 -11.25
CA GLN A 161 -8.62 14.73 -12.46
C GLN A 161 -7.15 14.76 -11.98
N ALA A 162 -6.57 13.60 -11.74
CA ALA A 162 -5.20 13.48 -11.22
C ALA A 162 -4.65 12.09 -11.53
N ALA A 163 -3.56 12.06 -12.27
CA ALA A 163 -2.83 10.84 -12.67
C ALA A 163 -1.33 11.06 -12.42
N ARG A 164 -0.48 10.16 -12.90
CA ARG A 164 1.01 10.21 -12.75
C ARG A 164 1.58 11.11 -13.86
N GLY A 165 2.31 12.15 -13.49
CA GLY A 165 3.08 12.99 -14.44
C GLY A 165 4.15 12.16 -15.14
N ASN A 166 3.90 11.73 -16.38
CA ASN A 166 4.77 10.77 -17.13
C ASN A 166 6.14 11.40 -17.40
N GLN A 167 6.19 12.62 -17.96
CA GLN A 167 7.44 13.38 -18.25
C GLN A 167 8.27 12.63 -19.31
N THR A 187 -0.25 22.17 -32.30
CA THR A 187 -0.79 23.17 -31.34
C THR A 187 -1.62 22.45 -30.26
N ASN A 188 -2.60 21.63 -30.65
CA ASN A 188 -3.45 20.81 -29.75
C ASN A 188 -2.94 19.35 -29.76
N ILE A 189 -2.01 19.06 -28.84
CA ILE A 189 -1.40 17.71 -28.61
C ILE A 189 -2.26 16.97 -27.58
N THR A 190 -2.36 15.64 -27.65
CA THR A 190 -3.03 14.79 -26.63
C THR A 190 -1.97 14.08 -25.78
N GLU A 191 -1.73 14.57 -24.55
CA GLU A 191 -0.83 13.92 -23.55
C GLU A 191 -1.62 12.89 -22.77
N VAL A 192 -1.02 11.73 -22.53
CA VAL A 192 -1.65 10.56 -21.84
C VAL A 192 -0.85 10.22 -20.57
N ASP A 193 -1.56 10.05 -19.43
CA ASP A 193 -0.99 9.73 -18.10
C ASP A 193 -1.54 8.37 -17.64
N ALA A 194 -0.75 7.63 -16.85
CA ALA A 194 -1.19 6.36 -16.23
C ALA A 194 -2.06 6.69 -15.00
N ALA A 195 -3.18 5.99 -14.81
CA ALA A 195 -3.96 6.05 -13.55
C ALA A 195 -3.01 5.88 -12.36
N SER A 196 -3.19 6.65 -11.29
CA SER A 196 -2.29 6.59 -10.11
C SER A 196 -3.05 6.83 -8.80
N VAL A 197 -4.12 7.62 -8.82
CA VAL A 197 -4.88 8.01 -7.59
C VAL A 197 -5.94 6.94 -7.30
N TYR A 198 -6.01 6.52 -6.03
CA TYR A 198 -6.90 5.44 -5.58
C TYR A 198 -8.34 5.95 -5.66
N THR A 199 -9.28 5.10 -6.11
CA THR A 199 -10.70 5.45 -6.28
C THR A 199 -11.45 5.23 -4.96
N LEU A 200 -11.02 5.93 -3.91
CA LEU A 200 -11.40 5.60 -2.50
C LEU A 200 -12.76 6.24 -2.19
N PRO A 201 -13.46 5.74 -1.15
CA PRO A 201 -14.73 6.32 -0.73
C PRO A 201 -14.38 7.50 0.19
N ALA A 202 -15.32 8.08 0.91
CA ALA A 202 -15.05 9.25 1.77
C ALA A 202 -16.10 9.45 2.88
N GLY A 203 -16.97 8.47 3.13
CA GLY A 203 -17.95 8.50 4.23
C GLY A 203 -19.33 8.95 3.78
N ALA A 204 -20.31 8.87 4.68
CA ALA A 204 -21.75 9.13 4.42
C ALA A 204 -21.94 10.47 3.68
N ASP A 205 -22.70 10.42 2.58
CA ASP A 205 -23.22 11.58 1.79
C ASP A 205 -22.10 12.17 0.94
N PHE A 206 -20.97 11.46 0.79
CA PHE A 206 -19.86 11.83 -0.13
C PHE A 206 -20.05 11.09 -1.46
N LEU A 207 -19.78 11.80 -2.55
CA LEU A 207 -19.62 11.21 -3.89
C LEU A 207 -18.20 11.55 -4.35
N MET A 208 -17.36 10.53 -4.51
CA MET A 208 -15.98 10.70 -5.04
C MET A 208 -16.01 10.32 -6.52
N CYS A 209 -15.63 11.25 -7.40
CA CYS A 209 -15.64 11.09 -8.87
C CYS A 209 -14.19 11.11 -9.38
N TYR A 210 -13.78 10.08 -10.13
CA TYR A 210 -12.39 9.92 -10.62
C TYR A 210 -12.36 9.85 -12.15
N SER A 211 -11.47 10.65 -12.75
CA SER A 211 -11.17 10.72 -14.20
C SER A 211 -10.80 9.34 -14.77
N VAL A 212 -10.23 8.44 -13.96
CA VAL A 212 -9.64 7.17 -14.47
C VAL A 212 -9.52 6.18 -13.30
N ALA A 213 -9.71 4.89 -13.60
CA ALA A 213 -9.61 3.77 -12.65
C ALA A 213 -8.31 2.99 -12.86
N GLU A 214 -7.93 2.17 -11.87
CA GLU A 214 -6.72 1.32 -11.87
C GLU A 214 -6.56 0.67 -13.25
N GLY A 215 -5.39 0.83 -13.87
CA GLY A 215 -5.00 0.07 -15.06
C GLY A 215 -5.55 0.65 -16.35
N TYR A 216 -6.07 1.88 -16.33
CA TYR A 216 -6.50 2.64 -17.52
C TYR A 216 -5.67 3.93 -17.59
N TYR A 217 -5.88 4.77 -18.60
CA TYR A 217 -5.03 5.96 -18.83
C TYR A 217 -5.91 7.21 -18.93
N SER A 218 -5.43 8.31 -18.38
CA SER A 218 -6.09 9.64 -18.40
C SER A 218 -5.49 10.46 -19.54
N HIS A 219 -6.34 11.05 -20.37
CA HIS A 219 -5.96 11.91 -21.51
C HIS A 219 -6.24 13.37 -21.17
N ARG A 220 -5.38 14.26 -21.68
CA ARG A 220 -5.55 15.73 -21.68
C ARG A 220 -5.08 16.26 -23.02
N GLU A 221 -5.94 17.04 -23.70
CA GLU A 221 -5.61 17.85 -24.90
C GLU A 221 -5.11 19.21 -24.40
N THR A 222 -4.07 19.76 -25.02
CA THR A 222 -3.33 20.95 -24.50
C THR A 222 -4.19 22.22 -24.62
N VAL A 223 -5.21 22.22 -25.47
CA VAL A 223 -6.12 23.39 -25.67
C VAL A 223 -7.54 23.06 -25.20
N ASN A 224 -8.09 21.90 -25.57
CA ASN A 224 -9.49 21.49 -25.22
C ASN A 224 -9.58 20.93 -23.78
N GLY A 225 -8.46 20.52 -23.20
CA GLY A 225 -8.40 20.04 -21.81
C GLY A 225 -8.67 18.54 -21.72
N SER A 226 -8.85 18.07 -20.50
CA SER A 226 -9.04 16.64 -20.14
C SER A 226 -10.32 16.08 -20.78
N TRP A 227 -10.22 14.88 -21.37
CA TRP A 227 -11.36 14.09 -21.88
C TRP A 227 -12.47 14.04 -20.82
N TYR A 228 -12.11 13.71 -19.57
CA TYR A 228 -13.08 13.46 -18.47
C TYR A 228 -13.82 14.76 -18.12
N ILE A 229 -13.10 15.88 -18.09
CA ILE A 229 -13.68 17.20 -17.74
C ILE A 229 -14.52 17.72 -18.92
N GLN A 230 -14.06 17.52 -20.15
CA GLN A 230 -14.81 17.93 -21.37
C GLN A 230 -16.17 17.25 -21.34
N ASP A 231 -16.18 15.93 -21.13
CA ASP A 231 -17.38 15.07 -21.24
C ASP A 231 -18.27 15.36 -20.03
N LEU A 232 -17.68 15.51 -18.84
CA LEU A 232 -18.41 15.92 -17.63
C LEU A 232 -19.12 17.26 -17.91
N CYS A 233 -18.37 18.25 -18.38
CA CYS A 233 -18.87 19.64 -18.61
C CYS A 233 -19.93 19.65 -19.72
N GLU A 234 -19.76 18.85 -20.76
CA GLU A 234 -20.79 18.70 -21.83
C GLU A 234 -22.09 18.24 -21.16
N MET A 235 -22.04 17.16 -20.38
CA MET A 235 -23.24 16.53 -19.75
C MET A 235 -23.85 17.47 -18.70
N LEU A 236 -23.05 18.33 -18.06
CA LEU A 236 -23.59 19.33 -17.08
C LEU A 236 -24.38 20.39 -17.85
N GLY A 237 -23.80 20.93 -18.92
CA GLY A 237 -24.48 21.87 -19.84
C GLY A 237 -25.85 21.35 -20.26
N LYS A 238 -25.91 20.12 -20.75
CA LYS A 238 -27.11 19.57 -21.43
C LYS A 238 -28.12 19.10 -20.38
N TYR A 239 -27.70 18.31 -19.38
CA TYR A 239 -28.62 17.54 -18.51
C TYR A 239 -28.42 17.84 -17.01
N GLY A 240 -27.51 18.74 -16.66
CA GLY A 240 -27.23 19.09 -15.24
C GLY A 240 -28.50 19.45 -14.48
N SER A 241 -29.40 20.22 -15.12
CA SER A 241 -30.60 20.83 -14.49
C SER A 241 -31.79 19.85 -14.43
N SER A 242 -31.66 18.63 -14.98
CA SER A 242 -32.80 17.67 -15.08
C SER A 242 -32.45 16.30 -14.47
N LEU A 243 -31.26 15.76 -14.76
CA LEU A 243 -30.90 14.34 -14.47
C LEU A 243 -30.38 14.17 -13.03
N GLU A 244 -30.66 13.01 -12.42
CA GLU A 244 -30.04 12.62 -11.13
C GLU A 244 -28.53 12.53 -11.37
N PHE A 245 -27.71 13.01 -10.44
CA PHE A 245 -26.29 13.33 -10.73
C PHE A 245 -25.52 12.04 -11.05
N THR A 246 -25.83 10.93 -10.39
CA THR A 246 -25.16 9.62 -10.64
C THR A 246 -25.55 9.11 -12.03
N GLU A 247 -26.79 9.37 -12.49
CA GLU A 247 -27.19 9.05 -13.88
C GLU A 247 -26.29 9.85 -14.82
N LEU A 248 -26.02 11.11 -14.47
CA LEU A 248 -25.19 12.02 -15.29
C LEU A 248 -23.78 11.43 -15.34
N LEU A 249 -23.21 11.04 -14.19
CA LEU A 249 -21.83 10.49 -14.13
C LEU A 249 -21.74 9.22 -14.98
N THR A 250 -22.82 8.45 -15.06
CA THR A 250 -22.90 7.21 -15.87
C THR A 250 -22.81 7.57 -17.36
N LEU A 251 -23.40 8.70 -17.78
CA LEU A 251 -23.27 9.21 -19.17
C LEU A 251 -21.81 9.57 -19.45
N VAL A 252 -21.15 10.19 -18.48
CA VAL A 252 -19.71 10.56 -18.59
C VAL A 252 -18.86 9.29 -18.71
N ASN A 253 -19.21 8.23 -17.96
CA ASN A 253 -18.52 6.92 -18.04
C ASN A 253 -18.64 6.38 -19.47
N ARG A 254 -19.84 6.39 -20.04
CA ARG A 254 -20.05 5.96 -21.45
C ARG A 254 -19.22 6.84 -22.39
N LYS A 255 -19.35 8.17 -22.29
CA LYS A 255 -18.76 9.13 -23.28
C LYS A 255 -17.25 8.90 -23.35
N VAL A 256 -16.60 8.80 -22.19
CA VAL A 256 -15.12 8.72 -22.06
C VAL A 256 -14.67 7.34 -22.55
N SER A 257 -15.39 6.28 -22.20
CA SER A 257 -14.98 4.87 -22.47
C SER A 257 -15.12 4.57 -23.96
N GLN A 258 -15.97 5.33 -24.66
CA GLN A 258 -16.25 5.19 -26.11
C GLN A 258 -15.18 5.92 -26.95
N ARG A 259 -14.52 6.95 -26.42
CA ARG A 259 -13.47 7.69 -27.16
C ARG A 259 -12.43 6.69 -27.66
N ARG A 260 -12.22 6.65 -28.98
CA ARG A 260 -11.36 5.63 -29.64
C ARG A 260 -9.90 6.04 -29.45
N VAL A 261 -9.02 5.05 -29.36
CA VAL A 261 -7.57 5.23 -29.06
C VAL A 261 -6.77 4.27 -29.95
N ASP A 262 -7.21 4.11 -31.21
CA ASP A 262 -6.68 3.11 -32.18
C ASP A 262 -5.81 3.80 -33.24
N PHE A 263 -6.05 5.08 -33.56
CA PHE A 263 -5.29 5.85 -34.57
C PHE A 263 -4.76 7.16 -33.95
N CYS A 264 -3.80 7.05 -33.03
CA CYS A 264 -3.20 8.19 -32.29
C CYS A 264 -1.93 8.67 -33.00
N LYS A 265 -1.67 9.99 -32.96
CA LYS A 265 -0.47 10.65 -33.55
C LYS A 265 0.82 10.09 -32.94
N ASP A 266 0.82 9.79 -31.63
CA ASP A 266 1.88 8.99 -30.97
C ASP A 266 1.53 7.51 -31.18
N PRO A 267 2.47 6.67 -31.68
CA PRO A 267 2.25 5.23 -31.70
C PRO A 267 2.06 4.59 -30.31
N SER A 268 2.81 5.05 -29.30
CA SER A 268 2.86 4.47 -27.93
C SER A 268 1.56 4.76 -27.17
N ALA A 269 0.85 5.83 -27.55
CA ALA A 269 -0.45 6.24 -26.95
C ALA A 269 -1.59 5.30 -27.41
N ILE A 270 -1.36 4.45 -28.42
CA ILE A 270 -2.38 3.52 -28.98
C ILE A 270 -2.75 2.47 -27.94
N GLY A 271 -4.04 2.10 -27.86
CA GLY A 271 -4.58 1.02 -27.02
C GLY A 271 -4.71 1.42 -25.54
N LYS A 272 -4.39 2.67 -25.21
CA LYS A 272 -4.43 3.20 -23.81
C LYS A 272 -5.83 3.78 -23.55
N LYS A 273 -6.80 2.91 -23.28
CA LYS A 273 -8.23 3.27 -23.05
C LYS A 273 -8.35 4.09 -21.76
N GLN A 274 -9.47 4.80 -21.60
CA GLN A 274 -9.79 5.59 -20.37
C GLN A 274 -11.19 5.24 -19.89
N VAL A 275 -11.30 4.60 -18.73
CA VAL A 275 -12.59 4.35 -18.03
C VAL A 275 -12.57 5.17 -16.75
N PRO A 276 -13.45 6.18 -16.61
CA PRO A 276 -13.66 6.85 -15.34
C PRO A 276 -14.45 5.95 -14.39
N CYS A 277 -14.62 6.41 -13.15
CA CYS A 277 -15.50 5.78 -12.13
C CYS A 277 -15.92 6.80 -11.09
N PHE A 278 -16.92 6.43 -10.29
CA PHE A 278 -17.35 7.17 -9.09
C PHE A 278 -17.67 6.19 -7.97
N ALA A 279 -17.23 6.53 -6.76
CA ALA A 279 -17.54 5.81 -5.51
C ALA A 279 -18.65 6.60 -4.80
N SER A 280 -19.86 6.04 -4.72
CA SER A 280 -21.02 6.73 -4.10
C SER A 280 -21.27 6.20 -2.69
N MET A 281 -21.23 7.10 -1.71
CA MET A 281 -21.67 6.88 -0.31
CA MET A 281 -21.70 6.85 -0.32
C MET A 281 -22.93 7.73 -0.06
N LEU A 282 -23.54 8.26 -1.14
CA LEU A 282 -24.81 9.03 -1.07
C LEU A 282 -25.91 8.10 -0.58
N THR A 283 -26.95 8.68 0.05
CA THR A 283 -28.08 7.95 0.67
C THR A 283 -29.40 8.34 0.01
N LYS A 284 -29.38 9.21 -1.02
CA LYS A 284 -30.59 9.71 -1.70
C LYS A 284 -30.28 10.16 -3.13
N LYS A 285 -31.33 10.41 -3.91
CA LYS A 285 -31.24 10.92 -5.30
C LYS A 285 -30.80 12.40 -5.23
N LEU A 286 -29.82 12.78 -6.05
CA LEU A 286 -29.25 14.14 -6.10
C LEU A 286 -29.64 14.80 -7.41
N HIS A 287 -30.34 15.93 -7.34
CA HIS A 287 -30.78 16.73 -8.50
C HIS A 287 -30.31 18.17 -8.32
N PHE A 288 -30.01 18.87 -9.42
CA PHE A 288 -29.67 20.31 -9.43
C PHE A 288 -30.70 21.05 -10.28
N PHE A 289 -31.98 20.80 -10.03
CA PHE A 289 -33.11 21.57 -10.66
C PHE A 289 -32.85 23.06 -10.46
N PRO A 290 -33.19 23.95 -11.42
CA PRO A 290 -33.00 25.38 -11.23
C PRO A 290 -33.70 25.83 -9.94
N LYS A 291 -33.05 26.71 -9.17
CA LYS A 291 -33.63 27.31 -7.94
C LYS A 291 -34.44 28.54 -8.36
N SER A 292 -35.59 28.78 -7.71
CA SER A 292 -36.45 29.97 -7.90
C SER A 292 -35.77 31.20 -7.27
N ASN A 293 -35.23 32.10 -8.11
CA ASN A 293 -34.35 33.24 -7.71
C ASN A 293 -35.05 34.58 -7.94
N GLU A 294 -36.36 34.60 -8.21
CA GLU A 294 -37.14 35.84 -8.46
C GLU A 294 -37.37 36.57 -7.14
N ASN A 295 -36.74 37.75 -6.99
CA ASN A 295 -36.78 38.62 -5.77
C ASN A 295 -36.27 37.86 -4.55
N LEU A 296 -35.18 37.10 -4.70
CA LEU A 296 -34.50 36.37 -3.60
C LEU A 296 -33.00 36.66 -3.64
N TYR A 297 -32.41 36.93 -2.48
CA TYR A 297 -30.96 37.09 -2.25
C TYR A 297 -30.33 35.70 -2.16
N PHE A 298 -29.34 35.40 -3.01
CA PHE A 298 -28.65 34.08 -3.08
C PHE A 298 -27.12 34.27 -3.03
N GLN A 299 -26.65 35.31 -2.32
CA GLN A 299 -25.22 35.64 -2.09
C GLN A 299 -24.95 35.64 -0.59
N MET B 30 -27.89 11.40 -32.11
CA MET B 30 -28.81 10.28 -31.73
C MET B 30 -28.55 9.83 -30.28
N PHE B 31 -27.75 10.57 -29.50
CA PHE B 31 -27.28 10.19 -28.14
C PHE B 31 -28.43 10.25 -27.12
N ASP B 32 -28.58 9.20 -26.31
CA ASP B 32 -29.75 9.00 -25.41
C ASP B 32 -29.29 9.01 -23.95
N PRO B 33 -29.62 10.07 -23.18
CA PRO B 33 -29.27 10.11 -21.75
C PRO B 33 -30.01 9.06 -20.88
N ALA B 34 -31.04 8.41 -21.42
CA ALA B 34 -31.83 7.38 -20.70
C ALA B 34 -31.54 5.99 -21.30
N GLU B 35 -30.38 5.85 -21.96
CA GLU B 35 -29.91 4.54 -22.47
C GLU B 35 -29.86 3.53 -21.33
N LYS B 36 -30.39 2.32 -21.58
CA LYS B 36 -30.42 1.17 -20.64
C LYS B 36 -29.57 0.05 -21.22
N TYR B 37 -28.98 -0.76 -20.36
CA TYR B 37 -28.33 -2.03 -20.79
C TYR B 37 -29.40 -2.92 -21.42
N LYS B 38 -29.05 -3.53 -22.56
CA LYS B 38 -29.79 -4.62 -23.25
C LYS B 38 -30.01 -5.78 -22.25
N MET B 39 -31.25 -5.96 -21.78
CA MET B 39 -31.60 -6.98 -20.75
C MET B 39 -32.73 -7.88 -21.26
N ASP B 40 -32.76 -8.14 -22.57
CA ASP B 40 -33.82 -8.92 -23.28
C ASP B 40 -33.19 -10.18 -23.91
N HIS B 41 -32.05 -10.64 -23.38
CA HIS B 41 -31.42 -11.95 -23.75
C HIS B 41 -32.32 -13.06 -23.24
N ARG B 42 -32.13 -14.29 -23.73
CA ARG B 42 -32.99 -15.47 -23.42
C ARG B 42 -33.02 -15.71 -21.90
N ARG B 43 -31.86 -15.71 -21.25
CA ARG B 43 -31.72 -15.91 -19.78
C ARG B 43 -31.02 -14.71 -19.13
N ARG B 44 -31.26 -14.51 -17.83
CA ARG B 44 -30.70 -13.39 -17.03
C ARG B 44 -29.18 -13.50 -16.96
N GLY B 45 -28.70 -14.69 -16.58
CA GLY B 45 -27.27 -14.99 -16.33
C GLY B 45 -27.06 -15.77 -15.03
N ILE B 46 -25.79 -16.01 -14.69
CA ILE B 46 -25.39 -16.75 -13.48
C ILE B 46 -25.06 -15.74 -12.36
N ALA B 47 -25.40 -16.11 -11.12
CA ALA B 47 -25.01 -15.41 -9.88
C ALA B 47 -24.21 -16.39 -9.01
N LEU B 48 -22.89 -16.23 -8.96
CA LEU B 48 -21.99 -17.04 -8.10
C LEU B 48 -22.06 -16.49 -6.68
N ILE B 49 -22.09 -17.38 -5.69
CA ILE B 49 -21.97 -17.02 -4.25
C ILE B 49 -20.92 -17.93 -3.63
N PHE B 50 -19.77 -17.36 -3.28
CA PHE B 50 -18.72 -18.01 -2.45
C PHE B 50 -19.00 -17.66 -1.00
N ASN B 51 -19.42 -18.67 -0.24
CA ASN B 51 -19.94 -18.53 1.14
C ASN B 51 -18.95 -19.18 2.10
N HIS B 52 -18.32 -18.37 2.96
CA HIS B 52 -17.19 -18.76 3.83
C HIS B 52 -17.60 -18.57 5.28
N GLU B 53 -17.77 -19.69 6.01
CA GLU B 53 -18.20 -19.72 7.43
C GLU B 53 -16.98 -19.97 8.34
N ARG B 54 -16.15 -20.94 7.99
CA ARG B 54 -15.00 -21.41 8.82
C ARG B 54 -13.73 -21.33 7.96
N PHE B 55 -12.57 -21.22 8.61
CA PHE B 55 -11.26 -21.07 7.92
C PHE B 55 -10.24 -22.03 8.53
N PHE B 56 -9.26 -22.43 7.71
CA PHE B 56 -8.05 -23.21 8.09
C PHE B 56 -7.57 -22.75 9.47
N TRP B 57 -7.27 -23.71 10.35
CA TRP B 57 -6.82 -23.43 11.74
C TRP B 57 -5.76 -22.31 11.71
N HIS B 58 -4.71 -22.46 10.90
CA HIS B 58 -3.46 -21.66 10.98
C HIS B 58 -3.64 -20.23 10.44
N LEU B 59 -4.85 -19.83 10.03
CA LEU B 59 -5.17 -18.43 9.61
C LEU B 59 -5.67 -17.62 10.81
N THR B 60 -6.12 -18.30 11.88
CA THR B 60 -6.60 -17.67 13.14
C THR B 60 -7.75 -16.71 12.83
N LEU B 61 -8.64 -17.05 11.90
CA LEU B 61 -9.81 -16.20 11.52
C LEU B 61 -11.07 -16.76 12.17
N PRO B 62 -11.91 -15.91 12.80
CA PRO B 62 -13.07 -16.41 13.55
C PRO B 62 -14.19 -16.93 12.63
N GLU B 63 -15.06 -17.81 13.16
CA GLU B 63 -16.28 -18.30 12.49
C GLU B 63 -17.10 -17.09 12.03
N ARG B 64 -17.81 -17.21 10.92
CA ARG B 64 -18.76 -16.15 10.47
C ARG B 64 -20.18 -16.73 10.57
N ARG B 65 -20.60 -17.02 11.81
CA ARG B 65 -21.97 -17.49 12.18
C ARG B 65 -23.00 -16.51 11.61
N GLY B 66 -23.87 -16.99 10.71
CA GLY B 66 -25.01 -16.21 10.16
C GLY B 66 -24.80 -15.88 8.69
N THR B 67 -23.62 -16.18 8.15
CA THR B 67 -23.32 -16.05 6.71
C THR B 67 -24.28 -16.95 5.91
N CYS B 68 -24.75 -18.06 6.48
CA CYS B 68 -25.63 -19.04 5.77
C CYS B 68 -27.03 -18.45 5.54
N ALA B 69 -27.50 -17.57 6.43
CA ALA B 69 -28.75 -16.78 6.23
C ALA B 69 -28.56 -15.82 5.04
N ASP B 70 -27.42 -15.12 5.01
CA ASP B 70 -27.00 -14.21 3.91
C ASP B 70 -27.05 -14.99 2.59
N ARG B 71 -26.41 -16.16 2.54
CA ARG B 71 -26.36 -17.02 1.33
C ARG B 71 -27.79 -17.36 0.90
N ASP B 72 -28.64 -17.86 1.80
CA ASP B 72 -30.02 -18.30 1.48
C ASP B 72 -30.87 -17.11 1.01
N ASN B 73 -30.77 -15.97 1.71
CA ASN B 73 -31.50 -14.72 1.42
C ASN B 73 -31.14 -14.28 0.00
N LEU B 74 -29.84 -14.13 -0.28
CA LEU B 74 -29.33 -13.77 -1.63
C LEU B 74 -29.86 -14.77 -2.66
N THR B 75 -29.61 -16.07 -2.45
CA THR B 75 -30.04 -17.18 -3.35
C THR B 75 -31.51 -16.96 -3.77
N ARG B 76 -32.38 -16.60 -2.82
CA ARG B 76 -33.82 -16.38 -3.06
C ARG B 76 -33.99 -15.13 -3.95
N ARG B 77 -33.43 -13.99 -3.55
CA ARG B 77 -33.70 -12.68 -4.21
C ARG B 77 -33.18 -12.66 -5.65
N PHE B 78 -32.02 -13.29 -5.91
CA PHE B 78 -31.42 -13.39 -7.26
C PHE B 78 -32.18 -14.41 -8.12
N SER B 79 -32.61 -15.54 -7.54
CA SER B 79 -33.55 -16.49 -8.19
C SER B 79 -34.78 -15.73 -8.71
N ASP B 80 -35.45 -14.96 -7.84
CA ASP B 80 -36.72 -14.25 -8.15
C ASP B 80 -36.50 -13.23 -9.27
N LEU B 81 -35.25 -12.84 -9.54
CA LEU B 81 -34.90 -11.85 -10.60
C LEU B 81 -34.39 -12.56 -11.86
N GLY B 82 -34.41 -13.90 -11.88
CA GLY B 82 -34.16 -14.71 -13.10
C GLY B 82 -32.76 -15.33 -13.14
N PHE B 83 -31.94 -15.12 -12.13
CA PHE B 83 -30.54 -15.62 -12.11
C PHE B 83 -30.55 -17.13 -11.86
N GLU B 84 -29.69 -17.87 -12.56
CA GLU B 84 -29.22 -19.23 -12.16
C GLU B 84 -28.19 -19.01 -11.04
N VAL B 85 -28.58 -19.18 -9.77
CA VAL B 85 -27.69 -19.00 -8.59
C VAL B 85 -26.86 -20.28 -8.41
N LYS B 86 -25.54 -20.15 -8.28
CA LYS B 86 -24.65 -21.28 -7.93
C LYS B 86 -23.87 -20.94 -6.65
N CYS B 87 -24.22 -21.56 -5.53
CA CYS B 87 -23.57 -21.41 -4.20
C CYS B 87 -22.40 -22.39 -4.03
N PHE B 88 -21.33 -21.95 -3.37
CA PHE B 88 -20.14 -22.77 -3.03
C PHE B 88 -19.72 -22.43 -1.60
N ASN B 89 -19.56 -23.45 -0.76
CA ASN B 89 -19.29 -23.29 0.70
C ASN B 89 -17.83 -23.67 0.99
N ASP B 90 -17.08 -22.72 1.56
CA ASP B 90 -15.77 -22.95 2.21
C ASP B 90 -14.79 -23.60 1.24
N LEU B 91 -14.81 -23.17 -0.03
CA LEU B 91 -13.85 -23.64 -1.05
C LEU B 91 -12.45 -23.20 -0.60
N LYS B 92 -11.45 -24.05 -0.82
CA LYS B 92 -10.01 -23.69 -0.76
C LYS B 92 -9.70 -22.84 -2.01
N ALA B 93 -8.51 -22.25 -2.06
CA ALA B 93 -8.12 -21.28 -3.12
C ALA B 93 -8.16 -22.00 -4.47
N GLU B 94 -7.55 -23.18 -4.55
CA GLU B 94 -7.50 -23.99 -5.79
C GLU B 94 -8.93 -24.23 -6.31
N GLU B 95 -9.79 -24.85 -5.48
CA GLU B 95 -11.22 -25.15 -5.84
C GLU B 95 -11.91 -23.87 -6.33
N LEU B 96 -11.76 -22.75 -5.61
CA LEU B 96 -12.48 -21.48 -5.90
C LEU B 96 -12.02 -20.92 -7.25
N LEU B 97 -10.71 -20.83 -7.48
CA LEU B 97 -10.16 -20.32 -8.75
C LEU B 97 -10.61 -21.23 -9.91
N LEU B 98 -10.69 -22.55 -9.68
CA LEU B 98 -11.13 -23.50 -10.73
C LEU B 98 -12.57 -23.14 -11.11
N LYS B 99 -13.45 -23.02 -10.13
CA LYS B 99 -14.92 -22.85 -10.34
C LYS B 99 -15.19 -21.51 -11.02
N ILE B 100 -14.46 -20.46 -10.65
CA ILE B 100 -14.68 -19.09 -11.18
C ILE B 100 -14.14 -19.02 -12.61
N HIS B 101 -12.95 -19.57 -12.87
CA HIS B 101 -12.32 -19.58 -14.23
C HIS B 101 -13.19 -20.43 -15.17
N GLU B 102 -13.73 -21.54 -14.66
CA GLU B 102 -14.71 -22.40 -15.37
C GLU B 102 -15.80 -21.47 -15.92
N VAL B 103 -16.48 -20.76 -15.02
CA VAL B 103 -17.61 -19.84 -15.31
C VAL B 103 -17.13 -18.74 -16.27
N SER B 104 -15.91 -18.25 -16.11
CA SER B 104 -15.37 -17.12 -16.91
C SER B 104 -15.21 -17.51 -18.39
N THR B 105 -14.96 -18.78 -18.70
CA THR B 105 -14.55 -19.31 -20.04
C THR B 105 -15.69 -20.06 -20.74
N VAL B 106 -16.75 -20.38 -20.02
CA VAL B 106 -18.05 -20.82 -20.60
C VAL B 106 -18.66 -19.63 -21.37
N SER B 107 -19.68 -19.84 -22.19
CA SER B 107 -20.36 -18.78 -22.97
C SER B 107 -21.51 -18.17 -22.16
N HIS B 108 -21.53 -16.83 -22.09
CA HIS B 108 -22.62 -15.96 -21.56
C HIS B 108 -23.29 -15.17 -22.69
N ALA B 109 -23.27 -15.71 -23.91
CA ALA B 109 -23.74 -14.99 -25.12
C ALA B 109 -25.24 -14.76 -25.02
N ASP B 110 -25.99 -15.69 -24.43
CA ASP B 110 -27.46 -15.60 -24.34
C ASP B 110 -27.88 -15.06 -22.96
N ALA B 111 -26.97 -14.38 -22.25
CA ALA B 111 -27.20 -13.86 -20.88
C ALA B 111 -27.15 -12.32 -20.87
N ASP B 112 -27.90 -11.72 -19.94
CA ASP B 112 -28.01 -10.24 -19.76
C ASP B 112 -26.75 -9.71 -19.08
N CYS B 113 -26.31 -10.40 -18.01
CA CYS B 113 -25.29 -9.90 -17.06
C CYS B 113 -24.68 -11.07 -16.27
N PHE B 114 -23.75 -10.73 -15.37
CA PHE B 114 -23.09 -11.67 -14.46
C PHE B 114 -22.94 -11.02 -13.08
N VAL B 115 -23.26 -11.80 -12.05
CA VAL B 115 -23.21 -11.40 -10.63
C VAL B 115 -22.32 -12.40 -9.90
N CYS B 116 -21.42 -11.89 -9.07
CA CYS B 116 -20.49 -12.68 -8.24
C CYS B 116 -20.48 -12.09 -6.84
N VAL B 117 -20.87 -12.89 -5.84
CA VAL B 117 -20.94 -12.48 -4.42
C VAL B 117 -19.84 -13.21 -3.66
N PHE B 118 -19.08 -12.48 -2.84
CA PHE B 118 -18.17 -13.05 -1.81
C PHE B 118 -18.70 -12.70 -0.41
N LEU B 119 -18.99 -13.73 0.38
CA LEU B 119 -19.26 -13.61 1.83
C LEU B 119 -18.08 -14.28 2.54
N SER B 120 -17.12 -13.49 3.00
CA SER B 120 -15.90 -13.98 3.67
C SER B 120 -15.24 -12.86 4.46
N HIS B 121 -14.03 -13.12 4.92
CA HIS B 121 -13.11 -12.09 5.47
C HIS B 121 -12.24 -11.57 4.33
N GLY B 122 -11.63 -10.41 4.51
CA GLY B 122 -10.63 -9.89 3.57
C GLY B 122 -9.71 -8.89 4.22
N GLU B 123 -8.71 -8.47 3.44
CA GLU B 123 -7.64 -7.50 3.79
C GLU B 123 -7.22 -6.84 2.47
N GLY B 124 -7.37 -5.52 2.35
CA GLY B 124 -6.76 -4.72 1.27
C GLY B 124 -7.42 -5.02 -0.05
N ASN B 125 -6.69 -5.67 -0.96
CA ASN B 125 -7.25 -6.12 -2.26
C ASN B 125 -7.36 -7.65 -2.24
N HIS B 126 -7.60 -8.23 -1.07
CA HIS B 126 -7.66 -9.70 -0.89
C HIS B 126 -8.98 -10.11 -0.25
N ILE B 127 -9.58 -11.15 -0.81
CA ILE B 127 -10.69 -11.92 -0.20
C ILE B 127 -10.06 -13.20 0.36
N TYR B 128 -10.64 -13.78 1.42
CA TYR B 128 -10.16 -15.05 1.99
C TYR B 128 -11.04 -16.20 1.50
N ALA B 129 -10.42 -17.17 0.82
CA ALA B 129 -10.93 -18.55 0.71
C ALA B 129 -10.75 -19.22 2.07
N TYR B 130 -11.01 -20.53 2.17
CA TYR B 130 -10.82 -21.34 3.39
C TYR B 130 -9.36 -21.31 3.87
N ASP B 131 -8.39 -21.38 2.95
CA ASP B 131 -6.97 -21.70 3.28
C ASP B 131 -6.00 -20.53 2.99
N ALA B 132 -6.37 -19.55 2.17
CA ALA B 132 -5.43 -18.48 1.76
C ALA B 132 -6.17 -17.31 1.09
N LYS B 133 -5.49 -16.17 0.99
CA LYS B 133 -6.07 -14.94 0.42
C LYS B 133 -5.96 -15.05 -1.11
N ILE B 134 -6.92 -14.47 -1.82
CA ILE B 134 -6.92 -14.30 -3.30
C ILE B 134 -7.07 -12.81 -3.61
N GLU B 135 -6.16 -12.31 -4.43
CA GLU B 135 -6.19 -10.96 -5.04
C GLU B 135 -7.52 -10.79 -5.79
N ILE B 136 -8.35 -9.84 -5.39
CA ILE B 136 -9.66 -9.54 -6.04
C ILE B 136 -9.47 -9.24 -7.53
N GLN B 137 -8.48 -8.43 -7.90
CA GLN B 137 -8.21 -8.02 -9.32
C GLN B 137 -8.09 -9.25 -10.21
N THR B 138 -7.64 -10.39 -9.68
CA THR B 138 -7.41 -11.60 -10.52
C THR B 138 -8.77 -12.29 -10.75
N LEU B 139 -9.72 -12.10 -9.84
CA LEU B 139 -11.09 -12.66 -9.98
C LEU B 139 -11.87 -11.78 -10.96
N THR B 140 -11.85 -10.47 -10.79
CA THR B 140 -12.55 -9.50 -11.68
C THR B 140 -11.92 -9.56 -13.08
N GLY B 141 -10.61 -9.75 -13.17
CA GLY B 141 -9.84 -9.71 -14.43
C GLY B 141 -10.28 -10.78 -15.42
N LEU B 142 -10.77 -11.91 -14.91
CA LEU B 142 -11.22 -13.06 -15.73
C LEU B 142 -12.42 -12.67 -16.58
N PHE B 143 -13.17 -11.63 -16.19
CA PHE B 143 -14.46 -11.21 -16.79
C PHE B 143 -14.30 -9.90 -17.58
N LYS B 144 -13.11 -9.29 -17.57
CA LYS B 144 -12.74 -8.10 -18.39
C LYS B 144 -12.93 -8.44 -19.87
N GLY B 145 -13.33 -7.44 -20.66
CA GLY B 145 -13.74 -7.54 -22.07
C GLY B 145 -12.96 -8.59 -22.84
N ASP B 146 -11.63 -8.47 -22.88
CA ASP B 146 -10.77 -9.32 -23.74
C ASP B 146 -10.96 -10.79 -23.34
N LYS B 147 -10.88 -11.11 -22.04
CA LYS B 147 -10.79 -12.49 -21.49
C LYS B 147 -12.14 -13.20 -21.51
N CYS B 148 -13.27 -12.47 -21.53
CA CYS B 148 -14.65 -13.04 -21.51
C CYS B 148 -15.53 -12.26 -22.49
N HIS B 149 -15.46 -12.63 -23.77
CA HIS B 149 -16.05 -11.87 -24.90
C HIS B 149 -17.58 -11.88 -24.80
N SER B 150 -18.18 -12.98 -24.35
CA SER B 150 -19.65 -13.13 -24.24
C SER B 150 -20.23 -12.21 -23.16
N LEU B 151 -19.41 -11.41 -22.47
CA LEU B 151 -19.87 -10.48 -21.39
C LEU B 151 -19.48 -9.03 -21.68
N VAL B 152 -18.77 -8.76 -22.78
CA VAL B 152 -18.39 -7.38 -23.19
C VAL B 152 -19.66 -6.54 -23.35
N GLY B 153 -19.68 -5.34 -22.76
CA GLY B 153 -20.82 -4.40 -22.82
C GLY B 153 -22.01 -4.88 -22.01
N LYS B 154 -21.86 -5.96 -21.24
CA LYS B 154 -22.90 -6.42 -20.29
C LYS B 154 -22.45 -6.08 -18.87
N PRO B 155 -23.39 -5.74 -17.97
CA PRO B 155 -23.02 -5.36 -16.60
C PRO B 155 -22.45 -6.60 -15.90
N LYS B 156 -21.37 -6.41 -15.12
CA LYS B 156 -20.67 -7.47 -14.35
C LYS B 156 -20.60 -7.00 -12.90
N ILE B 157 -21.34 -7.66 -12.00
CA ILE B 157 -21.70 -7.10 -10.67
C ILE B 157 -21.05 -7.96 -9.58
N PHE B 158 -20.14 -7.37 -8.81
CA PHE B 158 -19.46 -8.02 -7.66
C PHE B 158 -19.94 -7.37 -6.37
N ILE B 159 -20.47 -8.19 -5.48
CA ILE B 159 -20.97 -7.80 -4.15
C ILE B 159 -20.06 -8.43 -3.11
N ILE B 160 -19.53 -7.62 -2.19
CA ILE B 160 -18.44 -8.05 -1.29
C ILE B 160 -18.83 -7.68 0.14
N GLN B 161 -19.20 -8.71 0.90
CA GLN B 161 -19.35 -8.66 2.38
C GLN B 161 -18.07 -9.30 2.92
N ALA B 162 -17.07 -8.47 3.18
CA ALA B 162 -15.77 -8.90 3.74
C ALA B 162 -15.15 -7.74 4.52
N ALA B 163 -14.71 -8.06 5.73
CA ALA B 163 -13.94 -7.17 6.62
C ALA B 163 -12.92 -8.02 7.37
N ARG B 164 -12.29 -7.50 8.42
CA ARG B 164 -11.16 -8.17 9.14
C ARG B 164 -11.74 -8.93 10.34
N GLY B 165 -11.37 -10.21 10.45
CA GLY B 165 -11.67 -11.05 11.63
C GLY B 165 -11.09 -10.45 12.91
N ASN B 166 -11.90 -10.35 13.96
CA ASN B 166 -11.64 -9.59 15.22
C ASN B 166 -10.47 -10.22 16.00
N GLN B 167 -10.51 -11.54 16.24
CA GLN B 167 -9.50 -12.32 17.01
C GLN B 167 -9.40 -11.79 18.45
N THR B 187 -28.94 -15.50 22.03
CA THR B 187 -29.02 -16.42 20.87
C THR B 187 -28.61 -15.68 19.59
N ASN B 188 -29.21 -14.50 19.32
CA ASN B 188 -28.89 -13.61 18.17
C ASN B 188 -28.02 -12.43 18.66
N ILE B 189 -26.70 -12.60 18.62
CA ILE B 189 -25.69 -11.57 18.97
C ILE B 189 -25.33 -10.79 17.69
N THR B 190 -24.95 -9.52 17.80
CA THR B 190 -24.42 -8.70 16.67
C THR B 190 -22.89 -8.58 16.77
N GLU B 191 -22.14 -9.30 15.91
CA GLU B 191 -20.66 -9.24 15.88
C GLU B 191 -20.24 -8.15 14.88
N VAL B 192 -19.19 -7.40 15.21
CA VAL B 192 -18.79 -6.16 14.49
C VAL B 192 -17.30 -6.25 14.09
N ASP B 193 -17.00 -5.92 12.82
CA ASP B 193 -15.67 -6.06 12.18
C ASP B 193 -15.24 -4.73 11.58
N ALA B 194 -13.95 -4.41 11.64
CA ALA B 194 -13.38 -3.15 11.10
C ALA B 194 -13.23 -3.29 9.58
N ALA B 195 -13.73 -2.31 8.82
CA ALA B 195 -13.54 -2.23 7.35
C ALA B 195 -12.07 -2.49 7.03
N SER B 196 -11.77 -3.44 6.14
CA SER B 196 -10.39 -3.81 5.75
C SER B 196 -10.22 -3.84 4.23
N VAL B 197 -11.25 -4.24 3.49
CA VAL B 197 -11.18 -4.46 2.01
C VAL B 197 -11.31 -3.10 1.30
N TYR B 198 -10.34 -2.76 0.45
CA TYR B 198 -10.35 -1.49 -0.31
C TYR B 198 -11.58 -1.50 -1.22
N THR B 199 -12.26 -0.36 -1.36
CA THR B 199 -13.45 -0.19 -2.25
C THR B 199 -12.94 -0.06 -3.69
N LEU B 200 -12.48 -1.16 -4.26
CA LEU B 200 -11.75 -1.18 -5.56
C LEU B 200 -12.74 -0.98 -6.70
N PRO B 201 -12.32 -0.27 -7.77
CA PRO B 201 -13.10 -0.22 -9.01
C PRO B 201 -12.68 -1.50 -9.74
N ALA B 202 -13.00 -1.64 -11.02
CA ALA B 202 -12.57 -2.79 -11.85
C ALA B 202 -12.37 -2.29 -13.28
N GLY B 203 -13.17 -2.79 -14.24
CA GLY B 203 -13.16 -2.37 -15.66
C GLY B 203 -14.52 -1.93 -16.16
N ALA B 204 -14.58 -1.38 -17.38
CA ALA B 204 -15.84 -0.97 -18.05
C ALA B 204 -16.94 -2.01 -17.80
N ASP B 205 -18.11 -1.54 -17.39
CA ASP B 205 -19.38 -2.29 -17.28
C ASP B 205 -19.29 -3.22 -16.06
N PHE B 206 -18.42 -2.90 -15.11
CA PHE B 206 -18.41 -3.50 -13.75
C PHE B 206 -19.10 -2.54 -12.77
N LEU B 207 -19.72 -3.13 -11.76
CA LEU B 207 -20.25 -2.46 -10.55
C LEU B 207 -19.73 -3.25 -9.34
N MET B 208 -18.85 -2.63 -8.56
CA MET B 208 -18.29 -3.20 -7.32
C MET B 208 -19.09 -2.64 -6.14
N CYS B 209 -19.74 -3.53 -5.38
CA CYS B 209 -20.62 -3.19 -4.23
C CYS B 209 -19.99 -3.71 -2.93
N TYR B 210 -19.73 -2.80 -1.98
CA TYR B 210 -18.98 -3.08 -0.73
C TYR B 210 -19.88 -2.81 0.48
N SER B 211 -19.95 -3.81 1.37
CA SER B 211 -20.67 -3.76 2.67
C SER B 211 -20.30 -2.50 3.48
N VAL B 212 -19.04 -2.09 3.47
CA VAL B 212 -18.51 -1.06 4.40
C VAL B 212 -17.32 -0.35 3.77
N ALA B 213 -17.13 0.92 4.13
CA ALA B 213 -16.05 1.81 3.63
C ALA B 213 -14.97 2.00 4.71
N GLU B 214 -13.80 2.53 4.33
CA GLU B 214 -12.69 2.81 5.27
C GLU B 214 -13.25 3.56 6.47
N GLY B 215 -12.79 3.18 7.67
CA GLY B 215 -13.05 3.92 8.93
C GLY B 215 -14.43 3.64 9.50
N TYR B 216 -15.18 2.70 8.91
CA TYR B 216 -16.52 2.28 9.39
C TYR B 216 -16.45 0.80 9.77
N TYR B 217 -17.57 0.22 10.18
CA TYR B 217 -17.62 -1.16 10.74
C TYR B 217 -18.75 -1.94 10.08
N SER B 218 -18.47 -3.20 9.73
CA SER B 218 -19.42 -4.18 9.16
C SER B 218 -20.01 -5.00 10.30
N HIS B 219 -21.35 -5.11 10.34
CA HIS B 219 -22.09 -5.84 11.41
C HIS B 219 -22.69 -7.14 10.84
N ARG B 220 -22.70 -8.19 11.63
CA ARG B 220 -23.34 -9.49 11.30
C ARG B 220 -24.07 -10.01 12.55
N GLU B 221 -25.38 -10.26 12.44
CA GLU B 221 -26.22 -10.95 13.46
C GLU B 221 -26.07 -12.46 13.25
N THR B 222 -25.88 -13.22 14.33
CA THR B 222 -25.51 -14.66 14.28
C THR B 222 -26.67 -15.51 13.75
N VAL B 223 -27.91 -15.01 13.72
CA VAL B 223 -29.07 -15.76 13.15
C VAL B 223 -29.55 -15.09 11.86
N ASN B 224 -29.76 -13.77 11.90
CA ASN B 224 -30.41 -12.99 10.81
C ASN B 224 -29.43 -12.61 9.70
N GLY B 225 -28.13 -12.55 10.00
CA GLY B 225 -27.07 -12.31 9.00
C GLY B 225 -26.65 -10.85 8.95
N SER B 226 -25.81 -10.53 7.97
CA SER B 226 -25.12 -9.23 7.82
C SER B 226 -26.14 -8.10 7.61
N TRP B 227 -25.90 -6.97 8.26
CA TRP B 227 -26.74 -5.76 8.10
C TRP B 227 -26.88 -5.48 6.60
N TYR B 228 -25.76 -5.33 5.90
CA TYR B 228 -25.72 -4.95 4.45
C TYR B 228 -26.60 -5.91 3.64
N ILE B 229 -26.42 -7.22 3.86
CA ILE B 229 -27.09 -8.31 3.09
C ILE B 229 -28.61 -8.30 3.38
N GLN B 230 -28.99 -8.14 4.66
CA GLN B 230 -30.41 -8.08 5.08
C GLN B 230 -31.09 -6.98 4.25
N ASP B 231 -30.47 -5.80 4.24
CA ASP B 231 -31.04 -4.56 3.65
C ASP B 231 -30.96 -4.67 2.12
N LEU B 232 -29.84 -5.17 1.58
CA LEU B 232 -29.75 -5.42 0.11
C LEU B 232 -30.92 -6.31 -0.28
N CYS B 233 -31.05 -7.45 0.40
CA CYS B 233 -32.10 -8.46 0.10
C CYS B 233 -33.50 -7.84 0.28
N GLU B 234 -33.73 -7.06 1.32
CA GLU B 234 -35.07 -6.44 1.54
C GLU B 234 -35.37 -5.51 0.36
N MET B 235 -34.38 -4.74 -0.09
CA MET B 235 -34.55 -3.77 -1.20
C MET B 235 -34.72 -4.53 -2.52
N LEU B 236 -34.09 -5.70 -2.66
CA LEU B 236 -34.26 -6.56 -3.86
C LEU B 236 -35.71 -7.07 -3.91
N GLY B 237 -36.20 -7.65 -2.81
CA GLY B 237 -37.61 -8.05 -2.65
C GLY B 237 -38.57 -6.98 -3.17
N LYS B 238 -38.53 -5.77 -2.60
CA LYS B 238 -39.54 -4.72 -2.87
C LYS B 238 -39.32 -4.08 -4.23
N TYR B 239 -38.08 -3.72 -4.59
CA TYR B 239 -37.80 -2.81 -5.73
C TYR B 239 -36.83 -3.42 -6.77
N GLY B 240 -36.34 -4.65 -6.56
CA GLY B 240 -35.42 -5.29 -7.53
C GLY B 240 -35.94 -5.17 -8.96
N SER B 241 -37.21 -5.55 -9.17
CA SER B 241 -37.84 -5.75 -10.50
C SER B 241 -38.22 -4.42 -11.18
N SER B 242 -38.18 -3.27 -10.48
CA SER B 242 -38.67 -1.96 -11.00
C SER B 242 -37.58 -0.89 -11.04
N LEU B 243 -36.81 -0.71 -9.96
CA LEU B 243 -35.83 0.41 -9.79
C LEU B 243 -34.55 0.17 -10.59
N GLU B 244 -33.85 1.25 -10.97
CA GLU B 244 -32.47 1.17 -11.51
C GLU B 244 -31.55 0.67 -10.39
N PHE B 245 -30.58 -0.19 -10.70
CA PHE B 245 -29.90 -0.98 -9.65
C PHE B 245 -29.12 -0.06 -8.70
N THR B 246 -28.49 0.98 -9.23
CA THR B 246 -27.72 1.95 -8.42
C THR B 246 -28.69 2.81 -7.60
N GLU B 247 -29.90 3.11 -8.11
CA GLU B 247 -30.96 3.77 -7.29
C GLU B 247 -31.18 2.89 -6.05
N LEU B 248 -31.18 1.58 -6.25
CA LEU B 248 -31.46 0.56 -5.21
C LEU B 248 -30.29 0.49 -4.24
N LEU B 249 -29.05 0.46 -4.74
CA LEU B 249 -27.83 0.40 -3.87
C LEU B 249 -27.76 1.65 -2.98
N THR B 250 -28.24 2.79 -3.49
CA THR B 250 -28.33 4.06 -2.73
C THR B 250 -29.34 3.94 -1.59
N LEU B 251 -30.48 3.28 -1.81
CA LEU B 251 -31.43 2.95 -0.71
C LEU B 251 -30.71 2.08 0.33
N VAL B 252 -29.95 1.07 -0.11
CA VAL B 252 -29.16 0.20 0.81
C VAL B 252 -28.17 1.04 1.62
N ASN B 253 -27.50 2.02 1.00
CA ASN B 253 -26.61 2.95 1.75
C ASN B 253 -27.42 3.62 2.87
N ARG B 254 -28.59 4.20 2.53
CA ARG B 254 -29.46 4.88 3.53
C ARG B 254 -29.82 3.87 4.62
N LYS B 255 -30.51 2.78 4.27
CA LYS B 255 -31.02 1.80 5.26
C LYS B 255 -29.90 1.52 6.26
N VAL B 256 -28.72 1.16 5.75
CA VAL B 256 -27.59 0.61 6.55
C VAL B 256 -27.03 1.72 7.44
N SER B 257 -26.88 2.93 6.89
CA SER B 257 -26.27 4.10 7.58
C SER B 257 -27.19 4.63 8.68
N GLN B 258 -28.50 4.31 8.60
CA GLN B 258 -29.56 4.80 9.53
C GLN B 258 -29.74 3.82 10.70
N ARG B 259 -29.26 2.59 10.59
CA ARG B 259 -29.27 1.62 11.70
C ARG B 259 -28.47 2.23 12.86
N ARG B 260 -29.15 2.50 13.98
CA ARG B 260 -28.60 3.31 15.12
C ARG B 260 -27.61 2.43 15.90
N VAL B 261 -26.53 3.04 16.39
CA VAL B 261 -25.41 2.33 17.08
C VAL B 261 -25.07 3.08 18.38
N ASP B 262 -26.09 3.67 19.03
CA ASP B 262 -25.94 4.53 20.24
C ASP B 262 -26.28 3.70 21.50
N PHE B 263 -27.30 2.83 21.41
CA PHE B 263 -27.79 1.96 22.52
C PHE B 263 -27.57 0.47 22.18
N CYS B 264 -26.30 0.07 22.03
CA CYS B 264 -25.88 -1.35 21.84
C CYS B 264 -25.79 -2.05 23.19
N LYS B 265 -26.04 -3.37 23.22
CA LYS B 265 -25.94 -4.20 24.45
C LYS B 265 -24.47 -4.28 24.90
N ASP B 266 -23.55 -4.54 23.97
CA ASP B 266 -22.08 -4.43 24.19
C ASP B 266 -21.72 -2.94 24.22
N PRO B 267 -21.16 -2.40 25.32
CA PRO B 267 -20.72 -1.00 25.36
C PRO B 267 -19.64 -0.65 24.32
N SER B 268 -18.73 -1.58 23.99
CA SER B 268 -17.60 -1.36 23.06
C SER B 268 -18.13 -1.14 21.63
N ALA B 269 -19.26 -1.76 21.30
CA ALA B 269 -19.90 -1.70 19.95
C ALA B 269 -20.50 -0.31 19.68
N ILE B 270 -20.70 0.51 20.73
CA ILE B 270 -21.34 1.87 20.60
C ILE B 270 -20.47 2.74 19.69
N GLY B 271 -21.11 3.53 18.82
CA GLY B 271 -20.46 4.54 17.95
C GLY B 271 -19.76 3.95 16.74
N LYS B 272 -19.89 2.63 16.51
CA LYS B 272 -19.25 1.90 15.38
C LYS B 272 -20.25 1.86 14.22
N LYS B 273 -20.42 2.97 13.52
CA LYS B 273 -21.42 3.14 12.43
C LYS B 273 -20.96 2.33 11.20
N GLN B 274 -21.93 1.97 10.34
CA GLN B 274 -21.68 1.25 9.07
C GLN B 274 -22.23 2.07 7.92
N VAL B 275 -21.35 2.46 6.98
CA VAL B 275 -21.73 3.14 5.71
C VAL B 275 -21.16 2.31 4.57
N PRO B 276 -22.02 1.61 3.79
CA PRO B 276 -21.58 0.89 2.61
C PRO B 276 -21.18 1.88 1.51
N CYS B 277 -20.77 1.36 0.36
CA CYS B 277 -20.62 2.14 -0.89
C CYS B 277 -20.58 1.21 -2.09
N PHE B 278 -20.70 1.79 -3.29
CA PHE B 278 -20.48 1.11 -4.58
C PHE B 278 -19.57 1.98 -5.44
N ALA B 279 -18.70 1.31 -6.20
CA ALA B 279 -17.83 1.91 -7.20
C ALA B 279 -18.35 1.49 -8.58
N SER B 280 -18.96 2.42 -9.31
CA SER B 280 -19.60 2.14 -10.62
C SER B 280 -18.70 2.56 -11.75
N MET B 281 -18.47 1.63 -12.68
CA MET B 281 -17.84 1.87 -14.00
CA MET B 281 -17.86 1.94 -14.01
C MET B 281 -18.87 1.55 -15.09
N LEU B 282 -20.15 1.45 -14.71
CA LEU B 282 -21.28 1.20 -15.64
C LEU B 282 -21.39 2.37 -16.61
N THR B 283 -21.90 2.09 -17.82
CA THR B 283 -22.05 3.07 -18.93
C THR B 283 -23.53 3.27 -19.31
N LYS B 284 -24.47 2.60 -18.64
CA LYS B 284 -25.92 2.74 -18.93
C LYS B 284 -26.75 2.47 -17.68
N LYS B 285 -28.05 2.78 -17.74
CA LYS B 285 -29.02 2.44 -16.68
C LYS B 285 -29.11 0.91 -16.62
N LEU B 286 -29.15 0.33 -15.41
CA LEU B 286 -29.27 -1.14 -15.20
C LEU B 286 -30.58 -1.43 -14.49
N HIS B 287 -31.44 -2.23 -15.13
CA HIS B 287 -32.77 -2.64 -14.62
C HIS B 287 -32.88 -4.17 -14.66
N PHE B 288 -33.68 -4.74 -13.77
CA PHE B 288 -33.96 -6.20 -13.71
C PHE B 288 -35.47 -6.40 -13.82
N PHE B 289 -36.07 -5.78 -14.83
CA PHE B 289 -37.51 -5.94 -15.19
C PHE B 289 -37.81 -7.42 -15.39
N PRO B 290 -39.03 -7.90 -15.03
CA PRO B 290 -39.38 -9.30 -15.27
C PRO B 290 -39.18 -9.65 -16.75
N LYS B 291 -38.72 -10.88 -17.00
CA LYS B 291 -38.43 -11.39 -18.36
C LYS B 291 -39.69 -12.04 -18.94
N SER B 292 -39.98 -11.76 -20.21
CA SER B 292 -41.07 -12.41 -20.99
C SER B 292 -40.66 -13.86 -21.29
N ASN B 293 -41.24 -14.81 -20.55
CA ASN B 293 -40.92 -16.26 -20.63
C ASN B 293 -42.05 -17.03 -21.30
N GLU B 294 -43.25 -16.43 -21.41
CA GLU B 294 -44.45 -17.04 -22.05
C GLU B 294 -44.06 -17.71 -23.38
N ASN B 295 -44.18 -19.05 -23.43
CA ASN B 295 -43.89 -19.93 -24.61
C ASN B 295 -42.46 -19.72 -25.11
N LEU B 296 -41.47 -19.80 -24.20
CA LEU B 296 -40.02 -19.67 -24.51
C LEU B 296 -39.23 -20.68 -23.69
N TYR B 297 -38.14 -21.19 -24.26
CA TYR B 297 -37.12 -22.03 -23.56
C TYR B 297 -36.06 -21.11 -22.94
N PHE B 298 -35.97 -21.07 -21.61
CA PHE B 298 -35.04 -20.21 -20.82
C PHE B 298 -34.11 -21.07 -19.95
N GLN B 299 -33.90 -22.34 -20.34
CA GLN B 299 -32.98 -23.34 -19.71
C GLN B 299 -31.90 -23.74 -20.73
N MET C 30 30.63 -3.64 32.51
CA MET C 30 30.66 -5.09 32.12
C MET C 30 30.01 -5.30 30.74
N PHE C 31 29.29 -4.31 30.19
CA PHE C 31 28.74 -4.31 28.80
C PHE C 31 29.88 -4.47 27.78
N ASP C 32 29.73 -5.40 26.83
CA ASP C 32 30.85 -6.01 26.07
C ASP C 32 30.69 -5.77 24.57
N PRO C 33 31.50 -4.89 23.94
CA PRO C 33 31.40 -4.66 22.50
C PRO C 33 31.83 -5.81 21.57
N ALA C 34 32.30 -6.94 22.11
CA ALA C 34 32.71 -8.10 21.29
C ALA C 34 31.80 -9.31 21.58
N GLU C 35 30.67 -9.10 22.25
CA GLU C 35 29.76 -10.20 22.68
C GLU C 35 29.23 -10.90 21.43
N LYS C 36 29.36 -12.24 21.42
CA LYS C 36 28.98 -13.17 20.33
C LYS C 36 27.78 -13.99 20.78
N TYR C 37 26.82 -14.25 19.90
CA TYR C 37 25.74 -15.21 20.22
C TYR C 37 26.44 -16.49 20.74
N LYS C 38 25.89 -17.14 21.76
CA LYS C 38 26.44 -18.42 22.26
C LYS C 38 26.08 -19.51 21.25
N MET C 39 27.09 -20.07 20.59
CA MET C 39 26.95 -21.06 19.48
C MET C 39 27.58 -22.40 19.88
N ASP C 40 27.41 -22.82 21.14
CA ASP C 40 28.06 -24.01 21.77
C ASP C 40 26.99 -24.94 22.36
N HIS C 41 25.79 -24.94 21.78
CA HIS C 41 24.66 -25.86 22.12
C HIS C 41 24.92 -27.21 21.48
N ARG C 42 24.13 -28.23 21.82
CA ARG C 42 24.33 -29.62 21.35
C ARG C 42 24.23 -29.62 19.81
N ARG C 43 23.16 -29.05 19.25
CA ARG C 43 22.90 -28.98 17.78
C ARG C 43 23.00 -27.53 17.30
N ARG C 44 23.46 -27.32 16.07
CA ARG C 44 23.41 -26.02 15.37
C ARG C 44 21.95 -25.55 15.28
N GLY C 45 21.07 -26.42 14.80
CA GLY C 45 19.63 -26.11 14.64
C GLY C 45 19.10 -26.51 13.27
N ILE C 46 17.85 -26.17 12.99
CA ILE C 46 17.17 -26.54 11.72
C ILE C 46 17.37 -25.44 10.66
N ALA C 47 17.57 -25.86 9.41
CA ALA C 47 17.40 -25.04 8.19
C ALA C 47 16.19 -25.57 7.39
N LEU C 48 15.06 -24.87 7.40
CA LEU C 48 13.96 -25.12 6.43
C LEU C 48 14.32 -24.48 5.08
N ILE C 49 14.08 -25.21 3.99
CA ILE C 49 14.13 -24.65 2.61
C ILE C 49 12.81 -24.96 1.91
N PHE C 50 12.01 -23.94 1.63
CA PHE C 50 10.79 -24.04 0.80
C PHE C 50 11.16 -23.66 -0.64
N ASN C 51 11.26 -24.67 -1.50
CA ASN C 51 11.71 -24.58 -2.91
C ASN C 51 10.50 -24.68 -3.83
N HIS C 52 10.20 -23.64 -4.61
CA HIS C 52 9.01 -23.57 -5.51
C HIS C 52 9.45 -23.37 -6.95
N GLU C 53 9.22 -24.36 -7.82
CA GLU C 53 9.62 -24.33 -9.25
C GLU C 53 8.42 -24.10 -10.15
N ARG C 54 7.26 -24.66 -9.81
CA ARG C 54 6.01 -24.58 -10.62
C ARG C 54 4.88 -24.14 -9.70
N PHE C 55 3.81 -23.61 -10.30
CA PHE C 55 2.66 -23.01 -9.57
C PHE C 55 1.37 -23.49 -10.22
N PHE C 56 0.29 -23.50 -9.46
CA PHE C 56 -1.09 -23.78 -9.95
C PHE C 56 -1.33 -23.00 -11.24
N TRP C 57 -1.83 -23.66 -12.29
CA TRP C 57 -2.04 -23.07 -13.65
C TRP C 57 -2.65 -21.67 -13.51
N HIS C 58 -3.71 -21.52 -12.72
CA HIS C 58 -4.60 -20.31 -12.66
C HIS C 58 -3.96 -19.16 -11.87
N LEU C 59 -2.72 -19.31 -11.38
CA LEU C 59 -1.92 -18.19 -10.83
C LEU C 59 -1.20 -17.45 -11.96
N THR C 60 -1.04 -18.09 -13.12
CA THR C 60 -0.36 -17.53 -14.31
C THR C 60 1.07 -17.07 -13.93
N LEU C 61 1.77 -17.84 -13.09
CA LEU C 61 3.17 -17.56 -12.70
C LEU C 61 4.10 -18.49 -13.47
N PRO C 62 5.22 -17.98 -14.01
CA PRO C 62 6.13 -18.81 -14.79
C PRO C 62 6.92 -19.80 -13.91
N GLU C 63 7.44 -20.87 -14.52
CA GLU C 63 8.36 -21.83 -13.85
C GLU C 63 9.63 -21.07 -13.48
N ARG C 64 10.35 -21.55 -12.47
CA ARG C 64 11.59 -20.92 -11.95
C ARG C 64 12.73 -21.92 -12.17
N ARG C 65 12.94 -22.32 -13.42
CA ARG C 65 14.02 -23.26 -13.83
C ARG C 65 15.30 -22.77 -13.17
N GLY C 66 16.05 -23.68 -12.53
CA GLY C 66 17.34 -23.38 -11.88
C GLY C 66 17.23 -23.22 -10.37
N THR C 67 16.01 -23.16 -9.81
CA THR C 67 15.78 -23.08 -8.35
C THR C 67 16.26 -24.36 -7.68
N CYS C 68 16.41 -25.44 -8.45
CA CYS C 68 16.91 -26.75 -7.97
C CYS C 68 18.39 -26.64 -7.58
N ALA C 69 19.19 -25.91 -8.37
CA ALA C 69 20.61 -25.67 -8.05
C ALA C 69 20.70 -24.84 -6.76
N ASP C 70 19.78 -23.88 -6.59
CA ASP C 70 19.75 -22.99 -5.40
C ASP C 70 19.49 -23.84 -4.16
N ARG C 71 18.54 -24.77 -4.23
CA ARG C 71 18.12 -25.62 -3.08
C ARG C 71 19.23 -26.61 -2.74
N ASP C 72 19.82 -27.21 -3.76
CA ASP C 72 20.89 -28.22 -3.67
C ASP C 72 22.13 -27.56 -3.07
N ASN C 73 22.55 -26.41 -3.60
CA ASN C 73 23.78 -25.69 -3.18
C ASN C 73 23.62 -25.17 -1.75
N LEU C 74 22.43 -24.66 -1.43
CA LEU C 74 22.13 -24.17 -0.07
C LEU C 74 22.15 -25.36 0.89
N THR C 75 21.64 -26.51 0.46
CA THR C 75 21.50 -27.70 1.32
C THR C 75 22.89 -28.14 1.76
N ARG C 76 23.85 -28.13 0.83
CA ARG C 76 25.22 -28.59 1.14
C ARG C 76 25.89 -27.64 2.12
N ARG C 77 25.94 -26.35 1.80
CA ARG C 77 26.70 -25.33 2.57
C ARG C 77 26.19 -25.30 4.01
N PHE C 78 24.87 -25.30 4.20
CA PHE C 78 24.25 -25.24 5.55
C PHE C 78 24.52 -26.57 6.27
N SER C 79 24.49 -27.70 5.57
CA SER C 79 24.83 -29.03 6.15
C SER C 79 26.25 -28.99 6.70
N ASP C 80 27.21 -28.50 5.90
CA ASP C 80 28.65 -28.42 6.25
C ASP C 80 28.89 -27.52 7.46
N LEU C 81 27.94 -26.64 7.81
CA LEU C 81 28.02 -25.74 9.00
C LEU C 81 27.20 -26.35 10.15
N GLY C 82 26.69 -27.58 9.96
CA GLY C 82 26.13 -28.42 11.03
C GLY C 82 24.63 -28.32 11.14
N PHE C 83 23.97 -27.67 10.17
CA PHE C 83 22.49 -27.54 10.16
C PHE C 83 21.88 -28.88 9.73
N GLU C 84 20.76 -29.20 10.37
CA GLU C 84 19.83 -30.28 9.97
C GLU C 84 18.91 -29.66 8.91
N VAL C 85 19.27 -29.79 7.63
CA VAL C 85 18.56 -29.16 6.48
C VAL C 85 17.35 -30.01 6.11
N LYS C 86 16.16 -29.40 6.09
CA LYS C 86 14.85 -30.02 5.70
C LYS C 86 14.26 -29.25 4.51
N CYS C 87 14.38 -29.81 3.29
CA CYS C 87 13.88 -29.23 2.02
C CYS C 87 12.45 -29.71 1.74
N PHE C 88 11.66 -28.83 1.12
CA PHE C 88 10.24 -29.06 0.78
C PHE C 88 9.95 -28.44 -0.60
N ASN C 89 9.55 -29.27 -1.56
CA ASN C 89 9.28 -28.86 -2.96
C ASN C 89 7.79 -28.62 -3.17
N ASP C 90 7.44 -27.43 -3.66
CA ASP C 90 6.13 -27.11 -4.30
C ASP C 90 4.98 -27.40 -3.35
N LEU C 91 5.16 -27.13 -2.06
CA LEU C 91 4.08 -27.28 -1.04
C LEU C 91 2.96 -26.26 -1.31
N LYS C 92 1.71 -26.70 -1.17
CA LYS C 92 0.52 -25.83 -1.21
C LYS C 92 0.46 -25.09 0.13
N ALA C 93 -0.29 -24.00 0.22
CA ALA C 93 -0.29 -23.09 1.39
C ALA C 93 -0.51 -23.88 2.68
N GLU C 94 -1.61 -24.65 2.74
CA GLU C 94 -1.98 -25.48 3.92
C GLU C 94 -0.77 -26.29 4.39
N GLU C 95 -0.09 -26.97 3.47
CA GLU C 95 1.03 -27.91 3.77
C GLU C 95 2.20 -27.10 4.37
N LEU C 96 2.49 -25.93 3.81
CA LEU C 96 3.66 -25.09 4.19
C LEU C 96 3.44 -24.53 5.60
N LEU C 97 2.28 -23.93 5.86
CA LEU C 97 1.88 -23.43 7.20
C LEU C 97 1.94 -24.55 8.25
N LEU C 98 1.50 -25.77 7.92
CA LEU C 98 1.61 -26.95 8.83
C LEU C 98 3.09 -27.21 9.15
N LYS C 99 3.90 -27.40 8.11
CA LYS C 99 5.33 -27.74 8.30
C LYS C 99 5.98 -26.65 9.15
N ILE C 100 5.82 -25.39 8.76
CA ILE C 100 6.55 -24.28 9.45
C ILE C 100 6.00 -24.13 10.88
N HIS C 101 4.71 -24.36 11.12
CA HIS C 101 4.08 -24.31 12.47
C HIS C 101 4.61 -25.46 13.34
N GLU C 102 4.72 -26.67 12.78
CA GLU C 102 5.31 -27.87 13.45
C GLU C 102 6.69 -27.50 13.99
N VAL C 103 7.53 -26.93 13.11
CA VAL C 103 8.98 -26.66 13.41
C VAL C 103 9.06 -25.57 14.49
N SER C 104 8.08 -24.67 14.52
CA SER C 104 8.07 -23.52 15.47
C SER C 104 7.80 -24.06 16.90
N THR C 105 6.96 -25.09 17.03
CA THR C 105 6.45 -25.59 18.33
C THR C 105 7.29 -26.79 18.81
N VAL C 106 8.17 -27.34 17.98
CA VAL C 106 9.26 -28.25 18.45
C VAL C 106 10.21 -27.45 19.33
N SER C 107 11.01 -28.12 20.17
CA SER C 107 11.98 -27.46 21.08
C SER C 107 13.29 -27.19 20.36
N HIS C 108 13.75 -25.95 20.40
CA HIS C 108 15.06 -25.49 19.86
C HIS C 108 16.04 -25.30 21.02
N ALA C 109 15.62 -25.66 22.23
CA ALA C 109 16.32 -25.39 23.51
C ALA C 109 17.78 -25.84 23.43
N ASP C 110 18.07 -26.96 22.77
CA ASP C 110 19.45 -27.51 22.68
C ASP C 110 20.04 -27.22 21.30
N ALA C 111 19.59 -26.14 20.63
CA ALA C 111 20.07 -25.71 19.29
C ALA C 111 20.58 -24.28 19.36
N ASP C 112 21.55 -23.94 18.50
CA ASP C 112 22.21 -22.61 18.43
C ASP C 112 21.25 -21.57 17.83
N CYS C 113 20.59 -21.89 16.72
CA CYS C 113 19.83 -20.90 15.93
C CYS C 113 18.78 -21.55 15.03
N PHE C 114 18.14 -20.75 14.19
CA PHE C 114 17.16 -21.20 13.18
C PHE C 114 17.35 -20.43 11.88
N VAL C 115 17.36 -21.15 10.76
CA VAL C 115 17.48 -20.63 9.37
C VAL C 115 16.25 -21.07 8.59
N CYS C 116 15.57 -20.17 7.90
CA CYS C 116 14.43 -20.52 7.03
C CYS C 116 14.64 -19.85 5.67
N VAL C 117 14.55 -20.61 4.58
CA VAL C 117 14.79 -20.08 3.21
C VAL C 117 13.53 -20.24 2.35
N PHE C 118 13.23 -19.19 1.58
CA PHE C 118 12.15 -19.12 0.57
C PHE C 118 12.76 -18.84 -0.80
N LEU C 119 12.59 -19.81 -1.71
CA LEU C 119 12.89 -19.72 -3.15
C LEU C 119 11.55 -19.86 -3.88
N SER C 120 10.95 -18.75 -4.26
CA SER C 120 9.62 -18.68 -4.90
C SER C 120 9.39 -17.30 -5.51
N HIS C 121 8.19 -17.08 -6.04
CA HIS C 121 7.69 -15.74 -6.42
C HIS C 121 7.13 -15.04 -5.19
N GLY C 122 6.98 -13.73 -5.28
CA GLY C 122 6.44 -12.92 -4.18
C GLY C 122 6.03 -11.56 -4.69
N GLU C 123 5.32 -10.83 -3.84
CA GLU C 123 4.71 -9.52 -4.17
C GLU C 123 4.50 -8.85 -2.83
N GLY C 124 5.14 -7.70 -2.62
CA GLY C 124 5.01 -6.89 -1.39
C GLY C 124 5.40 -7.69 -0.16
N ASN C 125 4.47 -7.94 0.74
CA ASN C 125 4.77 -8.67 2.00
C ASN C 125 4.28 -10.11 1.85
N HIS C 126 4.25 -10.63 0.63
CA HIS C 126 3.75 -11.99 0.30
C HIS C 126 4.80 -12.79 -0.45
N ILE C 127 4.98 -14.02 0.00
CA ILE C 127 5.70 -15.11 -0.70
C ILE C 127 4.64 -16.04 -1.26
N TYR C 128 4.90 -16.65 -2.42
CA TYR C 128 3.96 -17.59 -3.08
C TYR C 128 4.31 -19.02 -2.65
N ALA C 129 3.32 -19.73 -2.10
CA ALA C 129 3.21 -21.20 -2.12
C ALA C 129 2.84 -21.64 -3.56
N TYR C 130 2.59 -22.93 -3.75
CA TYR C 130 2.18 -23.51 -5.07
C TYR C 130 0.89 -22.82 -5.55
N ASP C 131 -0.06 -22.52 -4.66
CA ASP C 131 -1.49 -22.30 -5.03
C ASP C 131 -2.01 -20.95 -4.52
N ALA C 132 -1.21 -20.17 -3.78
CA ALA C 132 -1.67 -18.97 -3.06
C ALA C 132 -0.47 -18.25 -2.43
N LYS C 133 -0.64 -16.97 -2.12
CA LYS C 133 0.41 -16.15 -1.47
C LYS C 133 0.16 -16.23 0.04
N ILE C 134 1.24 -16.08 0.80
CA ILE C 134 1.22 -16.08 2.28
C ILE C 134 1.94 -14.83 2.78
N GLU C 135 1.30 -14.10 3.67
CA GLU C 135 1.85 -12.90 4.37
C GLU C 135 3.06 -13.33 5.21
N ILE C 136 4.25 -12.89 4.80
CA ILE C 136 5.58 -13.20 5.42
C ILE C 136 5.56 -12.97 6.93
N GLN C 137 4.89 -11.93 7.43
CA GLN C 137 4.91 -11.57 8.87
C GLN C 137 4.37 -12.74 9.69
N THR C 138 3.43 -13.54 9.16
CA THR C 138 2.80 -14.65 9.93
C THR C 138 3.74 -15.86 9.95
N LEU C 139 4.66 -15.96 8.97
CA LEU C 139 5.75 -16.96 8.99
C LEU C 139 6.80 -16.55 10.03
N THR C 140 7.26 -15.30 10.02
CA THR C 140 8.32 -14.82 10.94
C THR C 140 7.75 -14.73 12.36
N GLY C 141 6.47 -14.35 12.49
CA GLY C 141 5.77 -14.20 13.78
C GLY C 141 5.74 -15.47 14.62
N LEU C 142 5.86 -16.64 13.98
CA LEU C 142 5.83 -17.97 14.66
C LEU C 142 7.08 -18.17 15.50
N PHE C 143 8.17 -17.46 15.18
CA PHE C 143 9.51 -17.61 15.80
C PHE C 143 9.83 -16.39 16.68
N LYS C 144 8.97 -15.38 16.67
CA LYS C 144 9.01 -14.23 17.63
C LYS C 144 9.20 -14.78 19.05
N GLY C 145 10.02 -14.12 19.87
CA GLY C 145 10.22 -14.46 21.29
C GLY C 145 8.94 -14.96 21.94
N ASP C 146 7.85 -14.19 21.78
CA ASP C 146 6.54 -14.38 22.46
C ASP C 146 5.99 -15.80 22.22
N LYS C 147 6.12 -16.31 21.00
CA LYS C 147 5.41 -17.53 20.51
C LYS C 147 6.34 -18.75 20.49
N CYS C 148 7.66 -18.56 20.55
CA CYS C 148 8.68 -19.64 20.47
C CYS C 148 9.77 -19.40 21.51
N HIS C 149 9.50 -19.75 22.77
CA HIS C 149 10.32 -19.50 23.98
C HIS C 149 11.76 -20.03 23.78
N SER C 150 11.90 -21.20 23.15
CA SER C 150 13.18 -21.93 23.01
C SER C 150 14.21 -21.13 22.18
N LEU C 151 13.76 -20.22 21.33
CA LEU C 151 14.61 -19.47 20.36
C LEU C 151 14.91 -18.05 20.85
N VAL C 152 14.26 -17.62 21.93
CA VAL C 152 14.50 -16.30 22.57
C VAL C 152 16.01 -16.08 22.72
N GLY C 153 16.52 -14.95 22.22
CA GLY C 153 17.93 -14.53 22.33
C GLY C 153 18.85 -15.34 21.42
N LYS C 154 18.30 -16.20 20.55
CA LYS C 154 19.09 -16.95 19.54
C LYS C 154 18.79 -16.41 18.15
N PRO C 155 19.76 -16.43 17.22
CA PRO C 155 19.59 -15.87 15.88
C PRO C 155 18.50 -16.60 15.08
N LYS C 156 17.59 -15.86 14.47
CA LYS C 156 16.57 -16.38 13.53
C LYS C 156 16.83 -15.73 12.17
N ILE C 157 17.17 -16.53 11.17
CA ILE C 157 17.76 -16.06 9.90
C ILE C 157 16.86 -16.48 8.74
N PHE C 158 16.15 -15.53 8.14
CA PHE C 158 15.32 -15.74 6.93
C PHE C 158 16.11 -15.25 5.71
N ILE C 159 16.20 -16.13 4.71
CA ILE C 159 16.79 -15.83 3.38
C ILE C 159 15.69 -15.93 2.33
N ILE C 160 15.52 -14.89 1.51
CA ILE C 160 14.41 -14.77 0.54
C ILE C 160 14.93 -14.39 -0.85
N GLN C 161 14.99 -15.40 -1.72
CA GLN C 161 15.09 -15.24 -3.19
C GLN C 161 13.66 -15.26 -3.74
N ALA C 162 13.03 -14.10 -3.82
CA ALA C 162 11.68 -13.93 -4.41
C ALA C 162 11.62 -12.64 -5.22
N ALA C 163 11.11 -12.74 -6.44
CA ALA C 163 10.84 -11.62 -7.36
C ALA C 163 9.50 -11.86 -8.09
N ARG C 164 9.17 -11.00 -9.06
CA ARG C 164 7.85 -10.98 -9.75
C ARG C 164 7.88 -11.97 -10.92
N GLY C 165 6.90 -12.87 -10.99
CA GLY C 165 6.68 -13.72 -12.18
C GLY C 165 6.59 -12.89 -13.44
N ASN C 166 7.51 -13.07 -14.40
CA ASN C 166 7.58 -12.28 -15.66
C ASN C 166 6.30 -12.46 -16.50
N GLN C 167 5.82 -13.71 -16.64
CA GLN C 167 4.54 -14.08 -17.29
C GLN C 167 4.61 -13.84 -18.81
N HIS C 168 5.56 -14.49 -19.50
CA HIS C 168 5.74 -14.43 -20.98
C HIS C 168 4.71 -15.34 -21.66
N THR C 187 21.23 -23.66 -23.41
CA THR C 187 20.74 -24.54 -22.31
C THR C 187 20.69 -23.78 -20.97
N ASN C 188 21.77 -23.06 -20.61
CA ASN C 188 21.86 -22.20 -19.40
C ASN C 188 21.55 -20.75 -19.80
N ILE C 189 20.28 -20.35 -19.72
CA ILE C 189 19.76 -18.98 -20.01
C ILE C 189 19.70 -18.19 -18.69
N THR C 190 19.93 -16.88 -18.72
CA THR C 190 19.77 -15.95 -17.55
C THR C 190 18.38 -15.30 -17.64
N GLU C 191 17.53 -15.51 -16.63
CA GLU C 191 16.19 -14.87 -16.53
C GLU C 191 16.29 -13.72 -15.53
N VAL C 192 15.51 -12.67 -15.77
CA VAL C 192 15.59 -11.37 -15.05
C VAL C 192 14.19 -11.02 -14.54
N ASP C 193 14.07 -10.79 -13.23
CA ASP C 193 12.80 -10.44 -12.56
C ASP C 193 13.01 -9.11 -11.84
N ALA C 194 12.02 -8.23 -11.91
CA ALA C 194 12.00 -6.98 -11.12
C ALA C 194 11.83 -7.35 -9.66
N ALA C 195 12.57 -6.69 -8.76
CA ALA C 195 12.34 -6.77 -7.30
C ALA C 195 10.85 -6.51 -7.03
N SER C 196 10.26 -7.20 -6.06
CA SER C 196 8.80 -7.12 -5.75
C SER C 196 8.53 -7.31 -4.26
N VAL C 197 9.39 -8.08 -3.57
CA VAL C 197 9.22 -8.37 -2.11
C VAL C 197 9.91 -7.27 -1.33
N TYR C 198 9.13 -6.61 -0.48
CA TYR C 198 9.56 -5.54 0.44
C TYR C 198 10.64 -6.09 1.36
N THR C 199 11.72 -5.32 1.58
CA THR C 199 12.83 -5.72 2.49
C THR C 199 12.34 -5.56 3.92
N LEU C 200 11.36 -6.39 4.29
CA LEU C 200 10.66 -6.35 5.61
C LEU C 200 11.66 -6.61 6.73
N PRO C 201 11.40 -6.02 7.92
CA PRO C 201 12.16 -6.34 9.12
C PRO C 201 11.58 -7.58 9.81
N ALA C 202 11.88 -7.74 11.09
CA ALA C 202 11.22 -8.69 12.02
C ALA C 202 11.67 -8.34 13.44
N GLY C 203 11.52 -9.27 14.40
CA GLY C 203 11.74 -8.99 15.83
C GLY C 203 13.21 -8.98 16.22
N ALA C 204 13.49 -8.89 17.52
CA ALA C 204 14.87 -8.92 18.05
C ALA C 204 15.50 -10.26 17.69
N ASP C 205 16.73 -10.20 17.18
CA ASP C 205 17.61 -11.36 16.89
C ASP C 205 17.19 -12.01 15.57
N PHE C 206 16.36 -11.33 14.76
CA PHE C 206 16.11 -11.73 13.36
C PHE C 206 17.11 -11.06 12.40
N LEU C 207 17.52 -11.81 11.39
CA LEU C 207 18.31 -11.31 10.25
C LEU C 207 17.55 -11.69 8.99
N MET C 208 16.99 -10.70 8.27
CA MET C 208 16.23 -10.92 7.03
C MET C 208 17.16 -10.60 5.85
N CYS C 209 17.46 -11.61 5.03
CA CYS C 209 18.42 -11.53 3.90
C CYS C 209 17.64 -11.58 2.59
N TYR C 210 17.86 -10.60 1.69
CA TYR C 210 17.03 -10.39 0.47
C TYR C 210 17.92 -10.39 -0.78
N SER C 211 17.48 -11.12 -1.81
CA SER C 211 18.19 -11.31 -3.11
C SER C 211 18.33 -9.97 -3.83
N VAL C 212 17.39 -9.06 -3.60
CA VAL C 212 17.28 -7.79 -4.39
C VAL C 212 16.49 -6.72 -3.61
N ALA C 213 16.90 -5.46 -3.76
CA ALA C 213 16.24 -4.30 -3.14
C ALA C 213 15.26 -3.66 -4.12
N GLU C 214 14.43 -2.74 -3.63
CA GLU C 214 13.45 -1.97 -4.45
C GLU C 214 14.20 -1.30 -5.62
N GLY C 215 13.65 -1.40 -6.83
CA GLY C 215 14.13 -0.68 -8.01
C GLY C 215 15.27 -1.40 -8.72
N TYR C 216 15.69 -2.56 -8.22
CA TYR C 216 16.76 -3.38 -8.84
C TYR C 216 16.13 -4.67 -9.40
N TYR C 217 16.98 -5.57 -9.88
CA TYR C 217 16.56 -6.75 -10.68
C TYR C 217 17.29 -7.98 -10.13
N SER C 218 16.59 -9.10 -10.11
CA SER C 218 17.07 -10.40 -9.58
C SER C 218 17.33 -11.32 -10.78
N HIS C 219 18.47 -12.01 -10.78
CA HIS C 219 18.94 -12.87 -11.90
C HIS C 219 18.95 -14.35 -11.48
N ARG C 220 18.46 -15.22 -12.36
CA ARG C 220 18.47 -16.69 -12.17
C ARG C 220 18.95 -17.34 -13.47
N GLU C 221 20.07 -18.07 -13.41
CA GLU C 221 20.58 -18.91 -14.51
C GLU C 221 19.83 -20.25 -14.44
N THR C 222 19.36 -20.78 -15.57
CA THR C 222 18.31 -21.84 -15.63
C THR C 222 18.87 -23.20 -15.18
N VAL C 223 20.20 -23.35 -15.21
CA VAL C 223 20.95 -24.54 -14.72
C VAL C 223 21.59 -24.19 -13.37
N ASN C 224 22.51 -23.22 -13.39
CA ASN C 224 23.43 -22.83 -12.30
C ASN C 224 22.69 -22.22 -11.11
N GLY C 225 21.50 -21.62 -11.32
CA GLY C 225 20.68 -21.00 -10.27
C GLY C 225 20.93 -19.50 -10.10
N SER C 226 20.34 -18.92 -9.05
CA SER C 226 20.24 -17.46 -8.79
C SER C 226 21.63 -16.89 -8.54
N TRP C 227 21.90 -15.70 -9.12
CA TRP C 227 23.15 -14.93 -8.84
C TRP C 227 23.33 -14.85 -7.33
N TYR C 228 22.32 -14.37 -6.60
CA TYR C 228 22.36 -14.17 -5.13
C TYR C 228 22.79 -15.46 -4.42
N ILE C 229 22.16 -16.60 -4.75
CA ILE C 229 22.40 -17.89 -4.05
C ILE C 229 23.77 -18.45 -4.45
N GLN C 230 24.15 -18.34 -5.73
CA GLN C 230 25.49 -18.77 -6.19
C GLN C 230 26.56 -18.11 -5.30
N ASP C 231 26.46 -16.78 -5.10
CA ASP C 231 27.50 -15.96 -4.42
C ASP C 231 27.36 -16.13 -2.90
N LEU C 232 26.13 -16.22 -2.39
CA LEU C 232 25.90 -16.65 -0.99
C LEU C 232 26.67 -17.96 -0.76
N CYS C 233 26.43 -18.96 -1.60
CA CYS C 233 26.93 -20.34 -1.35
C CYS C 233 28.45 -20.36 -1.47
N GLU C 234 29.03 -19.67 -2.46
CA GLU C 234 30.51 -19.56 -2.62
C GLU C 234 31.14 -18.94 -1.38
N MET C 235 30.49 -17.93 -0.78
CA MET C 235 31.01 -17.22 0.42
C MET C 235 30.79 -18.10 1.67
N LEU C 236 29.74 -18.93 1.69
CA LEU C 236 29.55 -19.90 2.80
C LEU C 236 30.66 -20.95 2.74
N GLY C 237 31.04 -21.34 1.52
CA GLY C 237 32.08 -22.36 1.27
C GLY C 237 33.43 -21.92 1.82
N LYS C 238 33.89 -20.74 1.42
CA LYS C 238 35.24 -20.23 1.75
C LYS C 238 35.29 -19.75 3.22
N TYR C 239 34.30 -18.96 3.65
CA TYR C 239 34.37 -18.10 4.85
C TYR C 239 33.30 -18.43 5.88
N GLY C 240 32.36 -19.34 5.61
CA GLY C 240 31.21 -19.60 6.50
C GLY C 240 31.65 -19.92 7.91
N SER C 241 32.67 -20.77 8.04
CA SER C 241 33.14 -21.34 9.33
C SER C 241 33.97 -20.33 10.14
N SER C 242 34.45 -19.24 9.54
CA SER C 242 35.39 -18.27 10.17
C SER C 242 34.78 -16.87 10.32
N LEU C 243 34.16 -16.32 9.28
CA LEU C 243 33.71 -14.89 9.25
C LEU C 243 32.43 -14.72 10.06
N GLU C 244 32.23 -13.51 10.60
CA GLU C 244 30.94 -13.06 11.20
C GLU C 244 29.90 -12.99 10.07
N PHE C 245 28.68 -13.45 10.31
CA PHE C 245 27.73 -13.77 9.21
C PHE C 245 27.35 -12.49 8.44
N THR C 246 27.22 -11.33 9.10
CA THR C 246 26.92 -10.02 8.44
C THR C 246 28.15 -9.57 7.63
N GLU C 247 29.38 -9.82 8.12
CA GLU C 247 30.63 -9.54 7.35
C GLU C 247 30.52 -10.28 6.02
N LEU C 248 30.12 -11.55 6.08
CA LEU C 248 29.93 -12.47 4.94
C LEU C 248 28.85 -11.93 4.00
N LEU C 249 27.65 -11.63 4.53
CA LEU C 249 26.53 -11.09 3.71
C LEU C 249 26.98 -9.82 3.00
N THR C 250 27.93 -9.07 3.57
CA THR C 250 28.46 -7.81 2.97
C THR C 250 29.27 -8.20 1.74
N LEU C 251 30.08 -9.25 1.85
CA LEU C 251 30.84 -9.82 0.70
C LEU C 251 29.84 -10.19 -0.40
N VAL C 252 28.76 -10.88 -0.06
CA VAL C 252 27.71 -11.28 -1.03
C VAL C 252 27.25 -10.02 -1.78
N ASN C 253 26.92 -8.94 -1.05
CA ASN C 253 26.45 -7.68 -1.65
C ASN C 253 27.50 -7.18 -2.66
N ARG C 254 28.78 -7.33 -2.37
CA ARG C 254 29.87 -6.83 -3.24
C ARG C 254 29.93 -7.65 -4.52
N LYS C 255 29.98 -8.98 -4.38
CA LYS C 255 30.07 -9.95 -5.50
C LYS C 255 28.89 -9.71 -6.46
N VAL C 256 27.67 -9.66 -5.94
CA VAL C 256 26.42 -9.58 -6.74
C VAL C 256 26.35 -8.21 -7.43
N SER C 257 26.55 -7.11 -6.69
CA SER C 257 26.47 -5.73 -7.20
C SER C 257 27.48 -5.52 -8.35
N GLN C 258 28.60 -6.28 -8.32
CA GLN C 258 29.73 -6.18 -9.28
C GLN C 258 29.55 -7.12 -10.49
N ARG C 259 28.52 -7.96 -10.53
CA ARG C 259 28.21 -8.76 -11.74
C ARG C 259 27.79 -7.80 -12.85
N ARG C 260 28.40 -7.92 -14.04
CA ARG C 260 28.28 -6.93 -15.14
C ARG C 260 26.94 -7.14 -15.84
N VAL C 261 26.30 -6.05 -16.27
CA VAL C 261 24.98 -6.06 -16.96
C VAL C 261 25.02 -5.11 -18.17
N ASP C 262 26.22 -4.91 -18.76
CA ASP C 262 26.45 -3.99 -19.91
C ASP C 262 26.39 -4.77 -21.24
N PHE C 263 26.92 -6.01 -21.30
CA PHE C 263 27.07 -6.79 -22.56
C PHE C 263 26.28 -8.10 -22.50
N CYS C 264 25.01 -8.06 -22.07
CA CYS C 264 24.07 -9.21 -21.98
C CYS C 264 23.67 -9.69 -23.38
N LYS C 265 23.51 -11.02 -23.56
CA LYS C 265 23.01 -11.61 -24.84
C LYS C 265 21.64 -11.00 -25.15
N ASP C 266 20.74 -10.90 -24.17
CA ASP C 266 19.42 -10.24 -24.33
C ASP C 266 19.65 -8.72 -24.22
N PRO C 267 19.31 -7.92 -25.26
CA PRO C 267 19.45 -6.46 -25.18
C PRO C 267 18.66 -5.81 -24.04
N SER C 268 17.42 -6.26 -23.81
CA SER C 268 16.47 -5.69 -22.81
C SER C 268 17.00 -5.86 -21.38
N ALA C 269 17.93 -6.81 -21.17
CA ALA C 269 18.52 -7.14 -19.86
C ALA C 269 19.69 -6.19 -19.54
N ILE C 270 20.12 -5.38 -20.51
CA ILE C 270 21.24 -4.41 -20.34
C ILE C 270 20.83 -3.37 -19.29
N GLY C 271 21.70 -3.05 -18.33
CA GLY C 271 21.51 -1.99 -17.33
C GLY C 271 20.73 -2.45 -16.10
N LYS C 272 20.20 -3.68 -16.10
CA LYS C 272 19.36 -4.21 -15.00
C LYS C 272 20.25 -4.79 -13.89
N LYS C 273 20.84 -3.92 -13.07
CA LYS C 273 21.81 -4.26 -12.00
C LYS C 273 21.09 -4.99 -10.85
N GLN C 274 21.85 -5.72 -10.02
CA GLN C 274 21.31 -6.40 -8.82
C GLN C 274 22.04 -5.88 -7.58
N VAL C 275 21.27 -5.44 -6.59
CA VAL C 275 21.74 -4.97 -5.25
C VAL C 275 20.97 -5.76 -4.19
N PRO C 276 21.60 -6.77 -3.53
CA PRO C 276 20.95 -7.47 -2.43
C PRO C 276 21.06 -6.56 -1.21
N CYS C 277 20.41 -6.94 -0.13
CA CYS C 277 20.50 -6.21 1.15
C CYS C 277 20.08 -7.17 2.26
N PHE C 278 20.41 -6.81 3.50
CA PHE C 278 19.98 -7.54 4.71
C PHE C 278 19.53 -6.54 5.76
N ALA C 279 18.44 -6.90 6.43
CA ALA C 279 17.84 -6.13 7.54
C ALA C 279 18.19 -6.88 8.82
N SER C 280 19.13 -6.33 9.59
CA SER C 280 19.65 -6.93 10.85
C SER C 280 18.88 -6.35 12.02
N MET C 281 18.29 -7.22 12.84
CA MET C 281 17.79 -6.89 14.19
C MET C 281 18.66 -7.65 15.21
N LEU C 282 19.82 -8.12 14.77
CA LEU C 282 20.76 -8.88 15.64
C LEU C 282 21.26 -7.97 16.76
N THR C 283 21.64 -8.56 17.90
CA THR C 283 22.11 -7.86 19.11
C THR C 283 23.54 -8.27 19.45
N LYS C 284 24.12 -9.23 18.72
CA LYS C 284 25.49 -9.75 18.97
C LYS C 284 26.12 -10.19 17.64
N LYS C 285 27.45 -10.35 17.63
CA LYS C 285 28.20 -10.91 16.49
C LYS C 285 27.83 -12.40 16.37
N LEU C 286 27.67 -12.89 15.14
CA LEU C 286 27.18 -14.25 14.81
C LEU C 286 28.28 -15.02 14.08
N HIS C 287 28.76 -16.12 14.66
CA HIS C 287 29.76 -17.02 14.04
C HIS C 287 29.19 -18.43 13.93
N PHE C 288 29.63 -19.17 12.92
CA PHE C 288 29.34 -20.62 12.78
C PHE C 288 30.65 -21.42 12.81
N PHE C 289 31.52 -21.11 13.79
CA PHE C 289 32.75 -21.88 14.09
C PHE C 289 32.36 -23.35 14.20
N PRO C 290 33.25 -24.27 13.74
CA PRO C 290 32.99 -25.70 13.79
C PRO C 290 32.61 -26.13 15.21
N LYS C 291 31.60 -26.98 15.36
CA LYS C 291 31.08 -27.41 16.68
C LYS C 291 31.97 -28.51 17.25
N SER C 292 32.24 -28.44 18.56
CA SER C 292 33.06 -29.39 19.36
C SER C 292 32.26 -30.69 19.57
N ASN C 293 32.85 -31.85 19.26
CA ASN C 293 32.23 -33.19 19.42
C ASN C 293 32.44 -33.67 20.86
N MET D 30 41.94 -10.96 -7.10
CA MET D 30 42.49 -11.31 -5.76
C MET D 30 41.57 -10.73 -4.66
N PHE D 31 40.38 -11.32 -4.52
CA PHE D 31 39.28 -10.97 -3.58
C PHE D 31 39.74 -11.00 -2.11
N ASP D 32 39.37 -9.98 -1.32
CA ASP D 32 39.85 -9.77 0.08
C ASP D 32 38.67 -9.70 1.04
N PRO D 33 38.41 -10.73 1.88
CA PRO D 33 37.24 -10.74 2.75
C PRO D 33 37.18 -9.60 3.77
N ALA D 34 38.31 -8.98 4.12
CA ALA D 34 38.38 -7.96 5.18
C ALA D 34 38.46 -6.55 4.56
N GLU D 35 38.28 -6.44 3.25
CA GLU D 35 38.41 -5.15 2.51
C GLU D 35 37.56 -4.08 3.23
N LYS D 36 38.10 -2.86 3.31
CA LYS D 36 37.49 -1.67 3.97
C LYS D 36 37.21 -0.60 2.90
N TYR D 37 36.19 0.22 3.10
CA TYR D 37 35.94 1.40 2.24
C TYR D 37 37.19 2.29 2.33
N LYS D 38 37.50 3.01 1.25
CA LYS D 38 38.60 4.00 1.19
C LYS D 38 38.20 5.21 2.05
N MET D 39 38.72 5.30 3.27
CA MET D 39 38.36 6.39 4.23
C MET D 39 39.56 7.32 4.47
N ASP D 40 40.42 7.54 3.46
CA ASP D 40 41.66 8.35 3.54
C ASP D 40 41.58 9.53 2.56
N HIS D 41 40.38 10.09 2.33
CA HIS D 41 40.18 11.34 1.52
C HIS D 41 40.51 12.55 2.39
N ARG D 42 40.55 13.74 1.78
CA ARG D 42 41.00 14.99 2.45
C ARG D 42 40.03 15.33 3.59
N ARG D 43 38.71 15.20 3.39
CA ARG D 43 37.65 15.46 4.41
C ARG D 43 36.83 14.18 4.63
N ARG D 44 36.20 14.05 5.80
CA ARG D 44 35.27 12.93 6.11
C ARG D 44 34.00 13.05 5.26
N GLY D 45 33.42 14.24 5.23
CA GLY D 45 32.23 14.55 4.40
C GLY D 45 31.14 15.27 5.18
N ILE D 46 29.98 15.45 4.57
CA ILE D 46 28.86 16.24 5.15
C ILE D 46 27.91 15.29 5.91
N ALA D 47 27.44 15.71 7.08
CA ALA D 47 26.30 15.13 7.82
C ALA D 47 25.15 16.15 7.88
N LEU D 48 24.11 15.97 7.06
CA LEU D 48 22.84 16.74 7.14
C LEU D 48 21.99 16.22 8.30
N ILE D 49 21.49 17.12 9.14
CA ILE D 49 20.49 16.77 10.19
C ILE D 49 19.25 17.64 10.03
N PHE D 50 18.18 17.07 9.47
CA PHE D 50 16.84 17.69 9.40
C PHE D 50 16.09 17.38 10.70
N ASN D 51 15.99 18.38 11.57
CA ASN D 51 15.40 18.31 12.92
C ASN D 51 14.01 18.98 12.94
N HIS D 52 12.96 18.26 13.31
CA HIS D 52 11.55 18.72 13.27
C HIS D 52 10.89 18.54 14.66
N GLU D 53 10.61 19.67 15.34
CA GLU D 53 9.99 19.72 16.68
C GLU D 53 8.50 20.09 16.59
N ARG D 54 8.10 20.94 15.63
CA ARG D 54 6.73 21.49 15.50
C ARG D 54 6.31 21.40 14.03
N PHE D 55 5.01 21.28 13.77
CA PHE D 55 4.45 21.09 12.41
C PHE D 55 3.30 22.08 12.21
N PHE D 56 3.07 22.47 10.96
CA PHE D 56 1.94 23.32 10.52
C PHE D 56 0.66 22.88 11.26
N TRP D 57 -0.07 23.84 11.83
CA TRP D 57 -1.32 23.61 12.62
C TRP D 57 -2.15 22.52 11.94
N HIS D 58 -2.50 22.71 10.65
CA HIS D 58 -3.52 21.92 9.90
C HIS D 58 -3.01 20.53 9.52
N LEU D 59 -1.83 20.10 9.99
CA LEU D 59 -1.37 18.70 9.89
C LEU D 59 -1.85 17.91 11.12
N THR D 60 -2.11 18.60 12.23
CA THR D 60 -2.59 17.99 13.51
C THR D 60 -1.59 16.91 13.94
N LEU D 61 -0.30 17.26 13.99
CA LEU D 61 0.81 16.38 14.46
C LEU D 61 1.35 16.96 15.76
N PRO D 62 1.62 16.12 16.79
CA PRO D 62 2.08 16.61 18.08
C PRO D 62 3.54 17.09 18.01
N GLU D 63 3.91 18.06 18.86
CA GLU D 63 5.32 18.48 19.09
C GLU D 63 6.15 17.24 19.43
N ARG D 64 7.45 17.29 19.17
CA ARG D 64 8.41 16.21 19.49
C ARG D 64 9.44 16.76 20.48
N ARG D 65 8.97 17.10 21.68
CA ARG D 65 9.79 17.66 22.77
C ARG D 65 10.93 16.68 23.03
N GLY D 66 12.18 17.17 22.98
CA GLY D 66 13.38 16.35 23.24
C GLY D 66 14.17 16.04 21.97
N THR D 67 13.60 16.32 20.79
CA THR D 67 14.29 16.11 19.49
C THR D 67 15.55 16.98 19.41
N CYS D 68 15.64 18.02 20.24
CA CYS D 68 16.79 18.96 20.25
C CYS D 68 17.99 18.25 20.89
N ALA D 69 17.78 17.46 21.94
CA ALA D 69 18.87 16.66 22.54
C ALA D 69 19.39 15.70 21.46
N ASP D 70 18.49 15.10 20.68
CA ASP D 70 18.87 14.15 19.61
C ASP D 70 19.79 14.85 18.63
N ARG D 71 19.39 16.03 18.17
CA ARG D 71 20.12 16.83 17.13
C ARG D 71 21.48 17.26 17.69
N ASP D 72 21.54 17.67 18.96
CA ASP D 72 22.78 18.21 19.58
C ASP D 72 23.77 17.07 19.80
N ASN D 73 23.32 15.94 20.36
CA ASN D 73 24.14 14.72 20.60
C ASN D 73 24.71 14.20 19.27
N LEU D 74 23.88 14.06 18.25
CA LEU D 74 24.35 13.62 16.92
C LEU D 74 25.36 14.65 16.40
N THR D 75 25.11 15.95 16.58
CA THR D 75 25.97 17.03 16.02
C THR D 75 27.38 16.87 16.60
N ARG D 76 27.47 16.61 17.91
CA ARG D 76 28.76 16.46 18.62
C ARG D 76 29.47 15.19 18.11
N ARG D 77 28.79 14.04 18.17
CA ARG D 77 29.40 12.72 17.90
C ARG D 77 29.92 12.65 16.47
N PHE D 78 29.15 13.16 15.50
CA PHE D 78 29.52 13.17 14.06
C PHE D 78 30.66 14.19 13.80
N SER D 79 30.63 15.32 14.48
CA SER D 79 31.73 16.33 14.40
C SER D 79 33.05 15.67 14.85
N ASP D 80 33.03 15.03 16.01
CA ASP D 80 34.23 14.39 16.64
C ASP D 80 34.84 13.31 15.74
N LEU D 81 34.06 12.74 14.81
CA LEU D 81 34.51 11.74 13.79
C LEU D 81 34.90 12.45 12.49
N GLY D 82 34.74 13.78 12.41
CA GLY D 82 35.36 14.61 11.36
C GLY D 82 34.37 15.12 10.35
N PHE D 83 33.07 14.85 10.53
CA PHE D 83 32.01 15.33 9.61
C PHE D 83 31.86 16.86 9.75
N GLU D 84 31.63 17.50 8.61
CA GLU D 84 31.11 18.89 8.54
C GLU D 84 29.60 18.78 8.77
N VAL D 85 29.14 18.96 10.01
CA VAL D 85 27.71 18.79 10.38
C VAL D 85 26.94 20.05 10.00
N LYS D 86 25.88 19.91 9.21
CA LYS D 86 24.95 20.99 8.79
C LYS D 86 23.51 20.69 9.27
N CYS D 87 23.01 21.44 10.27
CA CYS D 87 21.69 21.23 10.94
C CYS D 87 20.63 22.18 10.37
N PHE D 88 19.37 21.74 10.29
CA PHE D 88 18.24 22.52 9.74
C PHE D 88 16.98 22.23 10.53
N ASN D 89 16.42 23.25 11.19
CA ASN D 89 15.26 23.13 12.10
C ASN D 89 13.96 23.46 11.35
N ASP D 90 13.02 22.53 11.37
CA ASP D 90 11.61 22.74 10.96
C ASP D 90 11.54 23.37 9.57
N LEU D 91 12.33 22.88 8.62
CA LEU D 91 12.26 23.34 7.21
C LEU D 91 10.92 22.92 6.61
N LYS D 92 10.35 23.79 5.77
CA LYS D 92 9.21 23.47 4.89
C LYS D 92 9.74 22.54 3.80
N ALA D 93 8.85 21.82 3.11
CA ALA D 93 9.19 20.81 2.09
C ALA D 93 10.06 21.44 1.00
N GLU D 94 9.75 22.67 0.57
CA GLU D 94 10.49 23.38 -0.50
C GLU D 94 11.92 23.64 -0.03
N GLU D 95 12.08 24.15 1.20
CA GLU D 95 13.40 24.48 1.80
C GLU D 95 14.24 23.21 1.88
N LEU D 96 13.62 22.10 2.30
CA LEU D 96 14.33 20.83 2.57
C LEU D 96 14.85 20.26 1.25
N LEU D 97 13.97 20.11 0.25
CA LEU D 97 14.33 19.63 -1.10
C LEU D 97 15.44 20.50 -1.72
N LEU D 98 15.40 21.83 -1.57
CA LEU D 98 16.43 22.74 -2.14
C LEU D 98 17.78 22.46 -1.48
N LYS D 99 17.81 22.30 -0.16
CA LYS D 99 19.05 22.09 0.63
C LYS D 99 19.64 20.72 0.27
N ILE D 100 18.82 19.67 0.33
CA ILE D 100 19.30 18.27 0.09
C ILE D 100 19.74 18.15 -1.38
N HIS D 101 19.03 18.76 -2.34
CA HIS D 101 19.42 18.75 -3.77
C HIS D 101 20.77 19.46 -3.94
N GLU D 102 20.88 20.68 -3.39
CA GLU D 102 22.13 21.48 -3.33
C GLU D 102 23.30 20.59 -2.91
N VAL D 103 23.15 19.83 -1.83
CA VAL D 103 24.23 19.00 -1.24
C VAL D 103 24.54 17.82 -2.17
N SER D 104 23.56 17.37 -2.95
CA SER D 104 23.69 16.19 -3.84
C SER D 104 24.52 16.56 -5.07
N THR D 105 24.47 17.82 -5.50
CA THR D 105 25.03 18.27 -6.80
C THR D 105 26.39 18.95 -6.56
N VAL D 106 26.67 19.40 -5.34
CA VAL D 106 28.05 19.74 -4.87
C VAL D 106 28.94 18.50 -5.07
N SER D 107 30.26 18.70 -5.21
CA SER D 107 31.25 17.62 -5.37
C SER D 107 31.58 17.00 -4.00
N HIS D 108 31.55 15.68 -3.91
CA HIS D 108 32.01 14.88 -2.74
C HIS D 108 33.36 14.22 -3.09
N ALA D 109 34.00 14.67 -4.17
CA ALA D 109 35.21 14.03 -4.75
C ALA D 109 36.27 13.84 -3.66
N ASP D 110 36.48 14.84 -2.80
CA ASP D 110 37.55 14.83 -1.74
C ASP D 110 36.94 14.44 -0.39
N ALA D 111 35.89 13.61 -0.38
CA ALA D 111 35.16 13.17 0.83
C ALA D 111 35.13 11.64 0.92
N ASP D 112 35.30 11.11 2.13
CA ASP D 112 35.13 9.67 2.46
C ASP D 112 33.69 9.23 2.25
N CYS D 113 32.70 9.95 2.78
CA CYS D 113 31.30 9.46 2.80
C CYS D 113 30.27 10.58 3.06
N PHE D 114 29.01 10.19 3.18
CA PHE D 114 27.85 11.09 3.39
C PHE D 114 26.90 10.48 4.43
N VAL D 115 26.46 11.33 5.35
CA VAL D 115 25.43 11.01 6.39
C VAL D 115 24.26 11.97 6.22
N CYS D 116 23.03 11.48 6.30
CA CYS D 116 21.80 12.30 6.35
C CYS D 116 20.88 11.78 7.46
N VAL D 117 20.42 12.65 8.35
CA VAL D 117 19.58 12.27 9.52
C VAL D 117 18.23 12.96 9.48
N PHE D 118 17.16 12.21 9.77
CA PHE D 118 15.76 12.69 9.86
C PHE D 118 15.24 12.42 11.27
N LEU D 119 14.99 13.50 12.00
CA LEU D 119 14.30 13.51 13.32
C LEU D 119 12.97 14.24 13.11
N SER D 120 11.92 13.47 12.82
CA SER D 120 10.58 14.01 12.49
C SER D 120 9.52 12.94 12.72
N HIS D 121 8.31 13.21 12.28
CA HIS D 121 7.25 12.19 12.12
C HIS D 121 7.41 11.54 10.75
N GLY D 122 6.93 10.31 10.63
CA GLY D 122 6.94 9.55 9.37
C GLY D 122 5.75 8.63 9.31
N GLU D 123 5.37 8.27 8.10
CA GLU D 123 4.30 7.31 7.79
C GLU D 123 4.75 6.62 6.51
N GLY D 124 4.82 5.28 6.49
CA GLY D 124 5.08 4.51 5.27
C GLY D 124 6.45 4.83 4.70
N ASN D 125 6.51 5.26 3.44
CA ASN D 125 7.80 5.62 2.80
C ASN D 125 8.00 7.13 2.86
N HIS D 126 7.28 7.82 3.76
CA HIS D 126 7.30 9.30 3.86
C HIS D 126 7.92 9.75 5.19
N ILE D 127 8.69 10.83 5.13
CA ILE D 127 9.09 11.65 6.31
C ILE D 127 8.26 12.94 6.24
N TYR D 128 7.99 13.55 7.39
CA TYR D 128 7.28 14.86 7.46
C TYR D 128 8.31 15.98 7.56
N ALA D 129 8.22 16.92 6.61
CA ALA D 129 8.69 18.32 6.75
C ALA D 129 7.65 19.09 7.60
N TYR D 130 7.84 20.39 7.79
CA TYR D 130 6.97 21.24 8.63
C TYR D 130 5.53 21.25 8.08
N ASP D 131 5.38 21.23 6.75
CA ASP D 131 4.10 21.58 6.08
C ASP D 131 3.52 20.40 5.28
N ALA D 132 4.25 19.30 5.08
CA ALA D 132 3.87 18.23 4.14
C ALA D 132 4.86 17.07 4.21
N LYS D 133 4.43 15.89 3.76
CA LYS D 133 5.27 14.67 3.77
C LYS D 133 6.11 14.65 2.48
N ILE D 134 7.28 14.03 2.56
CA ILE D 134 8.17 13.78 1.38
C ILE D 134 8.48 12.29 1.32
N GLU D 135 8.42 11.75 0.11
CA GLU D 135 8.83 10.38 -0.28
C GLU D 135 10.34 10.22 -0.02
N ILE D 136 10.72 9.36 0.92
CA ILE D 136 12.14 9.06 1.31
C ILE D 136 12.96 8.64 0.07
N GLN D 137 12.41 7.77 -0.79
CA GLN D 137 13.13 7.21 -1.98
C GLN D 137 13.67 8.34 -2.87
N THR D 138 12.99 9.48 -2.94
CA THR D 138 13.40 10.62 -3.80
C THR D 138 14.56 11.35 -3.11
N LEU D 139 14.59 11.33 -1.78
CA LEU D 139 15.71 11.88 -0.99
C LEU D 139 16.94 10.96 -1.18
N THR D 140 16.80 9.64 -1.06
CA THR D 140 17.93 8.67 -1.21
C THR D 140 18.35 8.61 -2.69
N GLY D 141 17.40 8.79 -3.61
CA GLY D 141 17.64 8.80 -5.07
C GLY D 141 18.69 9.81 -5.49
N LEU D 142 18.75 10.97 -4.84
CA LEU D 142 19.63 12.10 -5.23
C LEU D 142 21.11 11.72 -5.06
N PHE D 143 21.41 10.67 -4.28
CA PHE D 143 22.77 10.26 -3.89
C PHE D 143 23.17 8.92 -4.54
N LYS D 144 22.23 8.25 -5.21
CA LYS D 144 22.46 6.99 -5.95
C LYS D 144 23.59 7.25 -6.96
N GLY D 145 24.40 6.23 -7.27
CA GLY D 145 25.51 6.31 -8.25
C GLY D 145 25.13 7.14 -9.48
N ASP D 146 23.99 6.85 -10.11
CA ASP D 146 23.54 7.46 -11.39
C ASP D 146 23.58 8.99 -11.32
N LYS D 147 23.21 9.57 -10.17
CA LYS D 147 22.82 11.01 -10.02
C LYS D 147 23.85 11.81 -9.22
N CYS D 148 24.85 11.16 -8.61
CA CYS D 148 25.86 11.83 -7.74
C CYS D 148 27.20 11.12 -7.86
N HIS D 149 27.86 11.28 -9.01
CA HIS D 149 29.12 10.59 -9.41
C HIS D 149 30.10 10.56 -8.24
N SER D 150 30.34 11.71 -7.61
CA SER D 150 31.44 11.90 -6.63
C SER D 150 31.28 10.97 -5.41
N LEU D 151 30.10 10.36 -5.19
CA LEU D 151 29.83 9.44 -4.05
C LEU D 151 29.76 7.98 -4.52
N VAL D 152 29.91 7.69 -5.81
CA VAL D 152 29.94 6.30 -6.33
C VAL D 152 31.03 5.52 -5.57
N GLY D 153 30.68 4.36 -5.01
CA GLY D 153 31.58 3.46 -4.28
C GLY D 153 31.88 3.95 -2.87
N LYS D 154 31.28 5.07 -2.45
CA LYS D 154 31.46 5.63 -1.08
C LYS D 154 30.20 5.39 -0.26
N PRO D 155 30.32 5.17 1.07
CA PRO D 155 29.16 4.89 1.90
C PRO D 155 28.21 6.09 1.94
N LYS D 156 26.90 5.83 1.80
CA LYS D 156 25.83 6.83 2.02
C LYS D 156 24.97 6.29 3.15
N ILE D 157 24.91 7.02 4.26
CA ILE D 157 24.27 6.55 5.52
C ILE D 157 23.05 7.43 5.80
N PHE D 158 21.87 6.82 5.94
CA PHE D 158 20.64 7.53 6.37
C PHE D 158 20.21 6.93 7.70
N ILE D 159 20.05 7.81 8.67
CA ILE D 159 19.51 7.49 10.03
C ILE D 159 18.14 8.16 10.14
N ILE D 160 17.11 7.38 10.49
CA ILE D 160 15.69 7.85 10.55
C ILE D 160 15.08 7.51 11.91
N GLN D 161 14.95 8.54 12.75
CA GLN D 161 14.14 8.54 13.98
C GLN D 161 12.81 9.19 13.58
N ALA D 162 11.85 8.37 13.15
CA ALA D 162 10.48 8.81 12.81
C ALA D 162 9.48 7.70 13.16
N ALA D 163 8.39 8.11 13.80
CA ALA D 163 7.27 7.22 14.19
C ALA D 163 5.95 7.96 13.94
N ARG D 164 4.83 7.35 14.36
CA ARG D 164 3.46 7.88 14.15
C ARG D 164 3.12 8.85 15.30
N GLY D 165 2.84 10.11 14.94
CA GLY D 165 2.51 11.17 15.90
C GLY D 165 1.08 11.05 16.40
N ASN D 166 0.88 10.47 17.59
CA ASN D 166 -0.44 10.31 18.26
C ASN D 166 -0.71 11.54 19.14
N THR D 187 8.80 16.30 34.64
CA THR D 187 9.47 17.27 33.74
C THR D 187 10.11 16.54 32.56
N ASN D 188 10.87 15.46 32.79
CA ASN D 188 11.40 14.52 31.74
C ASN D 188 10.46 13.31 31.62
N ILE D 189 9.44 13.42 30.76
CA ILE D 189 8.41 12.38 30.48
C ILE D 189 8.90 11.52 29.31
N THR D 190 8.54 10.23 29.28
CA THR D 190 8.91 9.26 28.21
C THR D 190 7.70 9.00 27.31
N GLU D 191 7.63 9.66 26.14
CA GLU D 191 6.48 9.55 25.20
C GLU D 191 6.79 8.42 24.23
N VAL D 192 5.80 7.58 23.95
CA VAL D 192 5.94 6.32 23.15
C VAL D 192 5.05 6.42 21.90
N ASP D 193 5.64 6.14 20.73
CA ASP D 193 4.97 6.20 19.41
C ASP D 193 5.01 4.81 18.79
N ALA D 194 4.02 4.47 17.97
CA ALA D 194 4.01 3.23 17.16
C ALA D 194 4.99 3.38 16.00
N ALA D 195 5.75 2.33 15.69
CA ALA D 195 6.52 2.21 14.43
C ALA D 195 5.58 2.49 13.23
N SER D 196 6.03 3.27 12.24
CA SER D 196 5.22 3.69 11.05
C SER D 196 6.06 3.74 9.77
N VAL D 197 7.35 4.07 9.87
CA VAL D 197 8.22 4.24 8.67
C VAL D 197 8.77 2.85 8.31
N TYR D 198 8.52 2.46 7.06
CA TYR D 198 9.00 1.21 6.45
C TYR D 198 10.53 1.20 6.54
N THR D 199 11.11 0.05 6.85
CA THR D 199 12.59 -0.16 6.89
C THR D 199 13.07 -0.34 5.45
N LEU D 200 12.97 0.73 4.66
CA LEU D 200 13.30 0.75 3.21
C LEU D 200 14.78 0.47 3.02
N PRO D 201 15.15 -0.24 1.93
CA PRO D 201 16.52 -0.30 1.48
C PRO D 201 16.78 0.94 0.59
N ALA D 202 17.91 0.96 -0.10
CA ALA D 202 18.25 1.93 -1.15
C ALA D 202 19.30 1.28 -2.07
N GLY D 203 20.11 2.08 -2.76
CA GLY D 203 21.05 1.58 -3.78
C GLY D 203 22.32 0.99 -3.19
N ALA D 204 23.23 0.56 -4.06
CA ALA D 204 24.57 0.05 -3.68
C ALA D 204 25.27 1.09 -2.80
N ASP D 205 25.84 0.62 -1.69
CA ASP D 205 26.72 1.39 -0.77
C ASP D 205 25.89 2.29 0.16
N PHE D 206 24.57 2.11 0.21
CA PHE D 206 23.71 2.78 1.22
C PHE D 206 23.60 1.92 2.47
N LEU D 207 23.40 2.56 3.61
CA LEU D 207 23.08 1.93 4.91
C LEU D 207 21.91 2.73 5.51
N MET D 208 20.72 2.13 5.57
CA MET D 208 19.50 2.78 6.08
C MET D 208 19.27 2.31 7.52
N CYS D 209 19.33 3.22 8.49
CA CYS D 209 19.35 2.91 9.94
C CYS D 209 18.05 3.43 10.57
N TYR D 210 17.32 2.57 11.28
CA TYR D 210 15.92 2.82 11.71
C TYR D 210 15.82 2.69 13.23
N SER D 211 15.20 3.69 13.87
CA SER D 211 14.92 3.74 15.33
C SER D 211 14.09 2.54 15.78
N VAL D 212 13.25 1.99 14.88
CA VAL D 212 12.21 0.99 15.28
C VAL D 212 11.74 0.21 14.05
N ALA D 213 11.37 -1.06 14.27
CA ALA D 213 10.89 -2.02 13.25
C ALA D 213 9.36 -2.16 13.33
N GLU D 214 8.73 -2.72 12.29
CA GLU D 214 7.25 -2.97 12.26
C GLU D 214 6.85 -3.75 13.52
N GLY D 215 5.79 -3.30 14.19
CA GLY D 215 5.19 -4.01 15.33
C GLY D 215 5.83 -3.61 16.65
N TYR D 216 6.88 -2.79 16.66
CA TYR D 216 7.52 -2.30 17.91
C TYR D 216 7.21 -0.81 18.07
N TYR D 217 7.69 -0.22 19.16
CA TYR D 217 7.37 1.16 19.60
C TYR D 217 8.68 1.95 19.83
N SER D 218 8.64 3.24 19.54
CA SER D 218 9.78 4.17 19.63
C SER D 218 9.57 5.08 20.83
N HIS D 219 10.58 5.21 21.69
CA HIS D 219 10.54 6.02 22.92
C HIS D 219 11.34 7.32 22.71
N ARG D 220 10.86 8.41 23.29
CA ARG D 220 11.52 9.74 23.31
C ARG D 220 11.24 10.40 24.67
N GLU D 221 12.30 10.67 25.44
CA GLU D 221 12.27 11.43 26.72
C GLU D 221 12.34 12.92 26.38
N THR D 222 11.52 13.75 27.04
CA THR D 222 11.22 15.14 26.59
C THR D 222 12.42 16.07 26.79
N VAL D 223 13.40 15.66 27.59
CA VAL D 223 14.69 16.39 27.82
C VAL D 223 15.86 15.58 27.26
N ASN D 224 15.93 14.28 27.58
CA ASN D 224 17.08 13.42 27.23
C ASN D 224 17.03 12.99 25.75
N GLY D 225 15.85 13.00 25.12
CA GLY D 225 15.67 12.63 23.71
C GLY D 225 15.37 11.14 23.52
N SER D 226 15.40 10.68 22.25
CA SER D 226 14.99 9.32 21.81
C SER D 226 15.96 8.26 22.36
N TRP D 227 15.43 7.10 22.78
CA TRP D 227 16.25 5.95 23.26
C TRP D 227 17.26 5.58 22.17
N TYR D 228 16.79 5.44 20.93
CA TYR D 228 17.63 5.06 19.78
C TYR D 228 18.84 6.00 19.66
N ILE D 229 18.62 7.32 19.72
CA ILE D 229 19.68 8.35 19.48
C ILE D 229 20.62 8.45 20.69
N GLN D 230 20.09 8.34 21.91
CA GLN D 230 20.91 8.33 23.14
C GLN D 230 21.94 7.20 23.02
N ASP D 231 21.48 6.01 22.62
CA ASP D 231 22.29 4.77 22.61
C ASP D 231 23.21 4.81 21.40
N LEU D 232 22.68 5.15 20.22
CA LEU D 232 23.54 5.45 19.05
C LEU D 232 24.67 6.39 19.48
N CYS D 233 24.35 7.50 20.14
CA CYS D 233 25.37 8.57 20.39
C CYS D 233 26.36 8.14 21.47
N GLU D 234 25.92 7.40 22.49
CA GLU D 234 26.82 6.81 23.52
C GLU D 234 27.84 5.90 22.82
N MET D 235 27.35 4.99 21.95
CA MET D 235 28.19 3.99 21.24
C MET D 235 29.20 4.73 20.35
N LEU D 236 28.75 5.73 19.56
CA LEU D 236 29.65 6.57 18.71
C LEU D 236 30.78 7.14 19.58
N GLY D 237 30.43 7.63 20.77
CA GLY D 237 31.39 8.16 21.75
C GLY D 237 32.46 7.13 22.08
N LYS D 238 32.03 5.98 22.59
CA LYS D 238 32.94 4.93 23.12
C LYS D 238 33.67 4.22 21.98
N TYR D 239 32.99 3.98 20.86
CA TYR D 239 33.38 2.97 19.84
C TYR D 239 33.43 3.54 18.41
N GLY D 240 32.92 4.74 18.15
CA GLY D 240 32.83 5.29 16.79
C GLY D 240 34.16 5.20 16.04
N SER D 241 35.26 5.57 16.70
CA SER D 241 36.59 5.76 16.07
C SER D 241 37.28 4.41 15.82
N SER D 242 36.84 3.32 16.46
CA SER D 242 37.51 1.98 16.39
C SER D 242 36.62 0.93 15.70
N LEU D 243 35.36 0.80 16.10
CA LEU D 243 34.49 -0.33 15.66
C LEU D 243 33.96 -0.08 14.24
N GLU D 244 33.80 -1.18 13.49
CA GLU D 244 33.09 -1.23 12.18
C GLU D 244 31.65 -0.77 12.44
N PHE D 245 31.11 0.10 11.58
CA PHE D 245 29.89 0.89 11.86
C PHE D 245 28.67 -0.03 12.02
N THR D 246 28.61 -1.19 11.34
CA THR D 246 27.49 -2.17 11.50
C THR D 246 27.66 -2.96 12.81
N GLU D 247 28.91 -3.25 13.23
CA GLU D 247 29.18 -3.87 14.56
C GLU D 247 28.57 -2.96 15.64
N LEU D 248 28.75 -1.65 15.45
CA LEU D 248 28.28 -0.55 16.34
C LEU D 248 26.74 -0.49 16.34
N LEU D 249 26.11 -0.55 15.16
CA LEU D 249 24.63 -0.48 15.05
C LEU D 249 24.03 -1.71 15.76
N THR D 250 24.78 -2.82 15.81
CA THR D 250 24.32 -4.09 16.45
C THR D 250 24.33 -3.89 17.96
N LEU D 251 25.37 -3.25 18.49
CA LEU D 251 25.40 -2.79 19.91
C LEU D 251 24.16 -1.96 20.21
N VAL D 252 23.80 -1.03 19.33
CA VAL D 252 22.61 -0.14 19.52
C VAL D 252 21.35 -1.03 19.59
N ASN D 253 21.26 -2.02 18.71
CA ASN D 253 20.11 -2.97 18.69
C ASN D 253 20.04 -3.67 20.06
N ARG D 254 21.18 -4.00 20.68
CA ARG D 254 21.21 -4.67 22.00
C ARG D 254 20.76 -3.68 23.07
N LYS D 255 21.41 -2.50 23.17
CA LYS D 255 21.15 -1.51 24.25
C LYS D 255 19.64 -1.19 24.29
N VAL D 256 19.07 -0.84 23.13
CA VAL D 256 17.67 -0.37 23.01
C VAL D 256 16.71 -1.54 23.29
N SER D 257 16.98 -2.72 22.74
CA SER D 257 16.13 -3.92 22.91
C SER D 257 16.13 -4.34 24.39
N GLN D 258 17.22 -4.07 25.11
CA GLN D 258 17.42 -4.40 26.55
C GLN D 258 16.72 -3.39 27.47
N ARG D 259 16.39 -2.19 27.00
CA ARG D 259 15.71 -1.18 27.86
C ARG D 259 14.35 -1.70 28.32
N ARG D 260 14.19 -1.88 29.64
CA ARG D 260 12.99 -2.53 30.24
C ARG D 260 11.79 -1.59 30.09
N VAL D 261 10.60 -2.18 30.00
CA VAL D 261 9.31 -1.47 29.73
C VAL D 261 8.17 -2.22 30.47
N ASP D 262 8.47 -2.76 31.66
CA ASP D 262 7.53 -3.57 32.49
C ASP D 262 6.97 -2.72 33.65
N PHE D 263 7.74 -1.77 34.19
CA PHE D 263 7.37 -0.95 35.38
C PHE D 263 7.28 0.53 35.00
N CYS D 264 6.64 0.85 33.86
CA CYS D 264 6.49 2.24 33.33
C CYS D 264 5.52 3.05 34.19
N LYS D 265 5.82 4.33 34.42
CA LYS D 265 4.97 5.27 35.19
C LYS D 265 3.56 5.26 34.56
N ASP D 266 3.46 5.49 33.26
CA ASP D 266 2.19 5.33 32.51
C ASP D 266 1.89 3.84 32.35
N PRO D 267 0.75 3.31 32.88
CA PRO D 267 0.39 1.90 32.72
C PRO D 267 0.24 1.39 31.27
N SER D 268 -0.20 2.26 30.35
CA SER D 268 -0.51 1.93 28.93
C SER D 268 0.77 1.72 28.11
N ALA D 269 1.94 2.13 28.65
CA ALA D 269 3.26 2.01 27.98
C ALA D 269 3.95 0.70 28.38
N ILE D 270 3.40 -0.05 29.34
CA ILE D 270 3.99 -1.33 29.81
C ILE D 270 4.00 -2.32 28.63
N GLY D 271 5.16 -2.93 28.35
CA GLY D 271 5.31 -4.04 27.38
C GLY D 271 5.50 -3.56 25.94
N LYS D 272 5.50 -2.24 25.71
CA LYS D 272 5.77 -1.62 24.38
C LYS D 272 7.28 -1.53 24.16
N LYS D 273 7.92 -2.62 23.73
CA LYS D 273 9.38 -2.78 23.60
C LYS D 273 9.85 -2.09 22.31
N GLN D 274 11.14 -1.72 22.25
CA GLN D 274 11.73 -1.06 21.06
C GLN D 274 12.80 -1.99 20.49
N VAL D 275 12.69 -2.27 19.18
CA VAL D 275 13.66 -3.06 18.38
C VAL D 275 14.07 -2.22 17.17
N PRO D 276 15.27 -1.60 17.17
CA PRO D 276 15.75 -0.89 15.98
C PRO D 276 16.18 -1.93 14.94
N CYS D 277 16.69 -1.46 13.81
CA CYS D 277 17.30 -2.32 12.77
C CYS D 277 18.05 -1.44 11.78
N PHE D 278 18.79 -2.07 10.88
CA PHE D 278 19.43 -1.39 9.73
C PHE D 278 19.34 -2.30 8.52
N ALA D 279 19.12 -1.68 7.36
CA ALA D 279 19.14 -2.34 6.04
C ALA D 279 20.43 -1.93 5.33
N SER D 280 21.38 -2.87 5.19
CA SER D 280 22.73 -2.62 4.62
C SER D 280 22.74 -3.04 3.17
N MET D 281 23.16 -2.12 2.30
CA MET D 281 23.52 -2.40 0.89
C MET D 281 25.04 -2.14 0.74
N LEU D 282 25.76 -2.09 1.86
CA LEU D 282 27.23 -1.81 1.84
C LEU D 282 27.95 -3.00 1.19
N THR D 283 29.11 -2.73 0.57
CA THR D 283 29.91 -3.73 -0.18
C THR D 283 31.25 -3.96 0.51
N LYS D 284 31.56 -3.24 1.59
CA LYS D 284 32.84 -3.35 2.33
C LYS D 284 32.63 -3.07 3.82
N LYS D 285 33.66 -3.31 4.63
CA LYS D 285 33.70 -2.91 6.06
C LYS D 285 33.83 -1.38 6.13
N LEU D 286 33.09 -0.75 7.04
CA LEU D 286 33.04 0.72 7.21
C LEU D 286 33.69 1.11 8.53
N HIS D 287 34.79 1.87 8.50
CA HIS D 287 35.47 2.38 9.72
C HIS D 287 35.60 3.89 9.68
N PHE D 288 35.54 4.51 10.86
CA PHE D 288 35.78 5.96 11.09
C PHE D 288 36.98 6.12 12.02
N PHE D 289 38.12 5.56 11.63
CA PHE D 289 39.44 5.78 12.27
C PHE D 289 39.77 7.27 12.18
N PRO D 290 40.41 7.86 13.21
CA PRO D 290 40.68 9.29 13.25
C PRO D 290 41.54 9.74 12.06
N LYS D 291 41.19 10.84 11.42
CA LYS D 291 41.94 11.36 10.24
C LYS D 291 43.27 11.96 10.72
N SER D 292 44.39 11.39 10.27
CA SER D 292 45.79 11.75 10.68
C SER D 292 46.22 13.02 9.94
N ASN D 293 45.78 14.18 10.44
CA ASN D 293 46.05 15.52 9.85
C ASN D 293 46.90 16.34 10.83
N GLU D 294 48.06 16.81 10.37
CA GLU D 294 48.99 17.65 11.17
C GLU D 294 48.38 19.05 11.31
N ASN D 295 48.10 19.50 12.54
CA ASN D 295 47.46 20.81 12.84
C ASN D 295 48.27 21.92 12.16
N LEU D 296 47.58 22.92 11.60
CA LEU D 296 48.18 24.00 10.78
C LEU D 296 48.30 25.27 11.64
C9 2J6 E . -6.45 1.39 -7.23
C9 2J6 E . -9.27 1.97 1.91
C2 2J6 E . -7.87 2.32 -1.75
C2 2J6 E . -7.53 1.58 -3.55
C10 2J6 E . -5.22 1.33 -7.82
C10 2J6 E . -8.30 1.66 2.82
C4 2J6 E . -7.31 1.40 -3.93
C4 2J6 E . -8.09 2.32 -1.32
N5 2J6 E . -8.51 1.72 -4.37
N5 2J6 E . -9.31 2.64 -1.74
C6 2J6 E . -9.39 2.32 -3.59
C6 2J6 E . -9.67 2.45 -2.99
C1 2J6 E . -9.12 2.63 -2.27
C1 2J6 E . -8.80 1.92 -3.92
C3 2J6 E . -6.95 1.67 -2.59
C3 2J6 E . -7.14 1.77 -2.22
N7 2J6 E . -6.41 0.77 -4.82
N7 2J6 E . -7.83 2.56 0.02
C8 2J6 E . -6.84 0.39 -6.18
C8 2J6 E . -8.96 3.01 0.87
C11 2J6 E . -4.88 2.24 -8.80
C11 2J6 E . -8.51 0.72 3.82
C12 2J6 E . -5.79 3.23 -9.18
C12 2J6 E . -9.74 0.07 3.88
C13 2J6 E . -7.03 3.29 -8.60
C13 2J6 E . -10.74 0.34 2.95
C14 2J6 E . -7.36 2.37 -7.62
C14 2J6 E . -10.50 1.30 1.97
O15 2J6 E . -8.58 2.40 -7.02
O15 2J6 E . -11.50 1.55 1.07
F16 2J6 E . -5.45 4.10 -10.14
F16 2J6 E . -9.95 -0.84 4.86
C17 2J6 E . -5.58 1.31 -2.15
C17 2J6 E . -5.75 1.41 -1.82
N18 2J6 E . -5.07 1.81 -1.02
N18 2J6 E . -5.01 0.66 -2.65
C19 2J6 E . -3.83 1.49 -0.63
C19 2J6 E . -3.76 0.32 -2.32
C20 2J6 E . -3.08 0.63 -1.41
C20 2J6 E . -3.21 0.77 -1.12
C21 2J6 E . -3.64 0.13 -2.59
C21 2J6 E . -4.00 1.55 -0.28
N22 2J6 E . -4.87 0.49 -2.92
N22 2J6 E . -5.24 1.85 -0.66
CL CL F . -29.93 27.58 -10.57
C9 2J6 G . 10.18 -1.76 -1.46
C9 2J6 G . 6.95 -2.10 7.59
C2 2J6 G . 8.23 -2.41 3.36
C2 2J6 G . 8.75 -1.66 2.07
C10 2J6 G . 9.69 -2.01 -2.75
C10 2J6 G . 5.63 -1.75 7.85
C4 2J6 G . 8.94 -1.41 1.29
C4 2J6 G . 7.95 -2.19 4.30
N5 2J6 G . 10.20 -1.76 1.53
N5 2J6 G . 9.20 -2.29 4.73
C6 2J6 G . 10.53 -2.39 2.64
C6 2J6 G . 10.22 -2.11 3.90
C1 2J6 G . 9.57 -2.73 3.57
C1 2J6 G . 10.03 -1.79 2.57
C3 2J6 G . 7.89 -1.72 2.20
C3 2J6 G . 7.68 -1.88 2.95
N7 2J6 G . 8.69 -0.74 0.12
N7 2J6 G . 6.94 -2.41 5.23
C8 2J6 G . 9.82 -0.49 -0.77
C8 2J6 G . 7.24 -3.08 6.50
C11 2J6 G . 10.05 -3.18 -3.41
C11 2J6 G . 5.33 -0.85 8.84
C12 2J6 G . 10.88 -4.11 -2.76
C12 2J6 G . 6.38 -0.29 9.57
C13 2J6 G . 11.38 -3.87 -1.50
C13 2J6 G . 7.73 -0.62 9.33
C14 2J6 G . 11.01 -2.70 -0.82
C14 2J6 G . 8.02 -1.55 8.31
O15 2J6 G . 11.48 -2.47 0.44
O15 2J6 G . 9.29 -1.98 7.97
F16 2J6 G . 11.24 -5.25 -3.37
F16 2J6 G . 5.94 0.59 10.50
C17 2J6 G . 6.49 -1.37 1.89
C17 2J6 G . 6.28 -1.73 2.49
N18 2J6 G . 5.52 -1.78 2.71
N18 2J6 G . 6.07 -0.91 1.44
C19 2J6 G . 4.25 -1.49 2.45
C19 2J6 G . 4.85 -0.72 0.97
C20 2J6 G . 3.93 -0.77 1.30
C20 2J6 G . 3.78 -1.35 1.60
C21 2J6 G . 4.97 -0.38 0.45
C21 2J6 G . 4.05 -2.19 2.70
N22 2J6 G . 6.22 -0.69 0.76
N22 2J6 G . 5.30 -2.36 3.12
CL CL H . 6.64 1.26 -2.17
CL CL I . 7.40 5.06 -4.17
CL CL J . 22.66 3.74 -9.42
#